data_2X19
#
_entry.id   2X19
#
_cell.length_a   99.930
_cell.length_b   99.930
_cell.length_c   276.840
_cell.angle_alpha   90.00
_cell.angle_beta   90.00
_cell.angle_gamma   120.00
#
_symmetry.space_group_name_H-M   'P 31 2 1'
#
loop_
_entity.id
_entity.type
_entity.pdbx_description
1 polymer 'GTP-BINDING NUCLEAR PROTEIN GSP1/CNR1'
2 polymer IMPORTIN-13
3 non-polymer "GUANOSINE-5'-TRIPHOSPHATE"
4 non-polymer 'MAGNESIUM ION'
5 water water
#
loop_
_entity_poly.entity_id
_entity_poly.type
_entity_poly.pdbx_seq_one_letter_code
_entity_poly.pdbx_strand_id
1 'polypeptide(L)'
;GEVPTFKLVLVGDGGTGKTTFVKRHLTGEFEKKYIATIGVEVHPLSFYTNFGEIKFDVWDTAGLEKFGGLRDGYYINAQC
AIIMFDVTSRITYKNVPNWHRDLVRVCENIPIVLCGNKVDVKERKVKAKTITFHRKKNLQYYDISAKSNYNFEKPFLWLA
RKLAGNPQLEFV
;
A
2 'polypeptide(L)'
;(MSE)ERREEQPGAAGAGAAPALDFTVENVEKALHQLYYDPNIENKNLAQKWL(MSE)QAQVSPQAWHFSWQLLQPDKVP
EIQYFGASALHIKISRYWSDIPTDQYESLKAQLFTQITRFASGSKIVLTRLCVALASLALS(MSE)(MSE)PDAWPCAVA
D(MSE)VRLFQAEDSPVDGQGRCLALLELLTVLPEEFQTSRLPQYRKGLVRTSLAVECGAVFPLLEQLLQQPSSPSCVRQ
KVLKCFSSWVQLEVPLQDCEALIQAAFAALQDSELFDSSVEAIVNAISQPDAQRYVNTLLKLIPLVLGLQEQLRQAVQNG
D(MSE)ETSHGICRIAVALGENHSRALLDQVEHWQSFLALVN(MSE)I(MSE)FCTGIPGHYPVNETTSSLTLTFWYTLQ
DDILSFEAEKQAVYQQVYRPVYFQLVDVLLHKAQFPSDEEYGFWSSDEKEQFRIYRVDISDTL(MSE)YVYE(MSE)LGA
ELLSNLYDKLGRLLTSSEEPYSWQHTEALLYGFQSIAETIDVNYSDVVPGLIGLIPRISISNVQLADTV(MSE)FTIGAL
SEWLADHPV(MSE)INSVLPLVLHALGNPELSVSSVSTLKKICRECKYDLPPYAANIVAVSQDVL(MSE)KQIHKTSQC
(MSE)WL(MSE)QALGFLLSALQVEEILKNLHSLISPYIQQLEKLAEEIPNPSNKLAIVHILGLLSNLFTTLDISHHEDD
HEGPELRKLPVPQGPNPVVVVLQQVFQLIQKVLSKWLNDAQVVEAVCAIFEKSVKTLLDDFAP(MSE)VPQLCE(MSE)L
GR(MSE)YSTIPQASALDLTRQLVHIFAHEPAHFPPIEALFLLVTSVTLTLFQQGPRDHPDIVDSF(MSE)QLLAQALKR
KPDLFLCERLDVKAVFQCAVLALKFPEAPTVKASCGFFTELLPRCGEVESVGKVVQEDGR(MSE)LLIAVLEAIGGQASR
SL(MSE)DCFADILFALNKHCFSLLS(MSE)WIKEALQPPGFPSARLSPEQKDTFSQQILRERVNKRRVKE(MSE)VKEF
TLLCRGLHGTDYTADY
;
B
#
# COMPACT_ATOMS: atom_id res chain seq x y z
N GLY A 1 -23.01 -11.46 -28.48
CA GLY A 1 -21.53 -11.36 -28.30
C GLY A 1 -20.86 -10.53 -29.38
N GLU A 2 -21.29 -9.27 -29.51
CA GLU A 2 -20.74 -8.34 -30.51
C GLU A 2 -19.34 -7.83 -30.14
N VAL A 3 -18.98 -7.97 -28.86
CA VAL A 3 -17.68 -7.51 -28.38
C VAL A 3 -16.88 -8.64 -27.73
N PRO A 4 -15.55 -8.55 -27.75
CA PRO A 4 -14.74 -9.61 -27.14
C PRO A 4 -14.72 -9.55 -25.62
N THR A 5 -14.17 -10.60 -25.03
CA THR A 5 -14.03 -10.73 -23.60
C THR A 5 -12.55 -10.98 -23.30
N PHE A 6 -11.95 -10.12 -22.47
CA PHE A 6 -10.55 -10.24 -22.10
C PHE A 6 -10.40 -11.06 -20.82
N LYS A 7 -9.37 -11.91 -20.79
CA LYS A 7 -9.10 -12.72 -19.61
C LYS A 7 -8.22 -11.91 -18.65
N LEU A 8 -8.76 -11.61 -17.47
CA LEU A 8 -8.04 -10.85 -16.45
C LEU A 8 -7.75 -11.73 -15.22
N VAL A 9 -6.47 -11.93 -14.90
CA VAL A 9 -6.15 -12.74 -13.74
C VAL A 9 -5.84 -11.82 -12.54
N LEU A 10 -6.56 -12.09 -11.45
CA LEU A 10 -6.45 -11.33 -10.20
C LEU A 10 -5.61 -12.14 -9.24
N VAL A 11 -4.48 -11.55 -8.84
CA VAL A 11 -3.53 -12.25 -8.01
C VAL A 11 -3.10 -11.44 -6.75
N GLY A 12 -2.47 -12.12 -5.78
CA GLY A 12 -2.04 -11.44 -4.58
C GLY A 12 -2.16 -12.28 -3.31
N ASP A 13 -1.50 -11.84 -2.24
CA ASP A 13 -1.52 -12.52 -0.95
C ASP A 13 -2.91 -12.61 -0.33
N GLY A 14 -3.10 -13.60 0.56
CA GLY A 14 -4.37 -13.79 1.22
C GLY A 14 -4.84 -12.58 2.01
N GLY A 15 -6.15 -12.34 2.01
CA GLY A 15 -6.70 -11.22 2.74
C GLY A 15 -6.41 -9.81 2.24
N THR A 16 -5.90 -9.66 1.02
CA THR A 16 -5.59 -8.34 0.49
C THR A 16 -6.85 -7.59 0.02
N GLY A 17 -7.86 -8.34 -0.44
CA GLY A 17 -9.09 -7.69 -0.87
C GLY A 17 -9.58 -8.12 -2.24
N LYS A 18 -8.83 -9.01 -2.87
CA LYS A 18 -9.19 -9.48 -4.20
C LYS A 18 -10.69 -9.78 -4.35
N THR A 19 -11.19 -10.73 -3.57
CA THR A 19 -12.60 -11.10 -3.63
C THR A 19 -13.56 -9.96 -3.26
N THR A 20 -13.19 -9.15 -2.27
CA THR A 20 -14.06 -8.06 -1.85
C THR A 20 -14.19 -7.00 -2.94
N PHE A 21 -13.07 -6.75 -3.62
CA PHE A 21 -12.99 -5.80 -4.71
C PHE A 21 -13.97 -6.24 -5.80
N VAL A 22 -13.67 -7.39 -6.40
CA VAL A 22 -14.49 -7.97 -7.44
C VAL A 22 -15.97 -7.97 -7.07
N LYS A 23 -16.27 -8.42 -5.87
CA LYS A 23 -17.63 -8.51 -5.38
C LYS A 23 -18.33 -7.16 -5.34
N ARG A 24 -17.60 -6.12 -4.93
CA ARG A 24 -18.19 -4.79 -4.85
C ARG A 24 -18.55 -4.29 -6.24
N HIS A 25 -17.72 -4.64 -7.23
CA HIS A 25 -17.99 -4.25 -8.60
C HIS A 25 -19.26 -4.98 -9.10
N LEU A 26 -19.44 -6.23 -8.66
CA LEU A 26 -20.58 -7.05 -9.08
C LEU A 26 -21.92 -6.84 -8.38
N THR A 27 -21.91 -6.44 -7.10
CA THR A 27 -23.16 -6.26 -6.37
C THR A 27 -23.29 -4.93 -5.68
N GLY A 28 -22.14 -4.29 -5.42
CA GLY A 28 -22.18 -3.01 -4.77
C GLY A 28 -21.95 -3.05 -3.28
N GLU A 29 -22.22 -4.19 -2.63
CA GLU A 29 -22.00 -4.26 -1.19
C GLU A 29 -20.59 -4.71 -0.84
N PHE A 30 -20.10 -4.24 0.31
CA PHE A 30 -18.77 -4.54 0.79
C PHE A 30 -18.79 -5.64 1.86
N GLU A 31 -18.11 -6.75 1.60
CA GLU A 31 -18.09 -7.85 2.56
C GLU A 31 -17.09 -7.60 3.69
N LYS A 32 -17.59 -7.68 4.92
CA LYS A 32 -16.74 -7.46 6.08
C LYS A 32 -15.96 -8.72 6.48
N LYS A 33 -16.36 -9.87 5.93
CA LYS A 33 -15.71 -11.12 6.27
C LYS A 33 -14.58 -11.50 5.32
N TYR A 34 -13.64 -12.29 5.82
CA TYR A 34 -12.56 -12.77 5.00
C TYR A 34 -12.71 -14.28 4.86
N ILE A 35 -13.28 -14.70 3.73
CA ILE A 35 -13.50 -16.10 3.43
C ILE A 35 -12.55 -16.47 2.29
N ALA A 36 -11.39 -17.01 2.65
CA ALA A 36 -10.38 -17.40 1.69
C ALA A 36 -11.01 -18.05 0.48
N THR A 37 -10.35 -17.89 -0.66
CA THR A 37 -10.80 -18.44 -1.92
C THR A 37 -10.04 -19.76 -2.09
N ILE A 38 -10.69 -20.73 -2.73
CA ILE A 38 -10.06 -22.01 -2.96
C ILE A 38 -9.86 -22.16 -4.47
N GLY A 39 -8.60 -22.20 -4.89
CA GLY A 39 -8.28 -22.30 -6.31
C GLY A 39 -8.62 -20.99 -7.00
N VAL A 40 -9.73 -20.97 -7.72
CA VAL A 40 -10.16 -19.78 -8.42
C VAL A 40 -11.66 -19.77 -8.56
N GLU A 41 -12.18 -18.60 -8.87
CA GLU A 41 -13.60 -18.40 -9.10
C GLU A 41 -13.62 -17.38 -10.20
N VAL A 42 -14.05 -17.79 -11.39
CA VAL A 42 -14.11 -16.86 -12.50
C VAL A 42 -15.44 -16.12 -12.50
N HIS A 43 -15.38 -14.79 -12.51
CA HIS A 43 -16.55 -13.92 -12.49
C HIS A 43 -16.52 -12.97 -13.68
N PRO A 44 -17.61 -12.93 -14.46
CA PRO A 44 -17.66 -12.02 -15.62
C PRO A 44 -17.95 -10.60 -15.13
N LEU A 45 -17.27 -9.62 -15.70
CA LEU A 45 -17.45 -8.22 -15.31
C LEU A 45 -17.46 -7.34 -16.57
N SER A 46 -18.56 -6.60 -16.79
CA SER A 46 -18.66 -5.76 -17.98
C SER A 46 -18.78 -4.27 -17.69
N PHE A 47 -18.19 -3.44 -18.55
CA PHE A 47 -18.26 -1.98 -18.39
C PHE A 47 -18.69 -1.34 -19.70
N TYR A 48 -19.54 -0.33 -19.63
CA TYR A 48 -19.95 0.37 -20.85
C TYR A 48 -19.04 1.58 -21.00
N THR A 49 -18.45 1.72 -22.20
CA THR A 49 -17.56 2.83 -22.50
C THR A 49 -18.12 3.77 -23.56
N ASN A 50 -17.45 4.90 -23.72
CA ASN A 50 -17.83 5.89 -24.70
C ASN A 50 -17.51 5.46 -26.14
N PHE A 51 -17.02 4.23 -26.28
CA PHE A 51 -16.68 3.69 -27.59
C PHE A 51 -17.44 2.40 -27.77
N GLY A 52 -17.92 1.84 -26.66
CA GLY A 52 -18.70 0.60 -26.77
C GLY A 52 -18.72 -0.16 -25.47
N GLU A 53 -18.78 -1.47 -25.53
CA GLU A 53 -18.82 -2.24 -24.31
C GLU A 53 -17.60 -3.11 -24.11
N ILE A 54 -17.05 -3.13 -22.89
CA ILE A 54 -15.88 -3.95 -22.62
C ILE A 54 -16.26 -4.99 -21.59
N LYS A 55 -15.98 -6.24 -21.92
CA LYS A 55 -16.28 -7.36 -21.06
C LYS A 55 -14.98 -7.98 -20.53
N PHE A 56 -15.03 -8.38 -19.26
CA PHE A 56 -13.89 -8.99 -18.59
C PHE A 56 -14.32 -10.29 -17.90
N ASP A 57 -13.42 -11.26 -17.89
CA ASP A 57 -13.67 -12.52 -17.22
C ASP A 57 -12.57 -12.49 -16.19
N VAL A 58 -12.91 -11.97 -15.00
CA VAL A 58 -11.95 -11.87 -13.91
C VAL A 58 -11.69 -13.24 -13.29
N TRP A 59 -10.44 -13.66 -13.31
CA TRP A 59 -10.05 -14.93 -12.70
C TRP A 59 -9.47 -14.60 -11.30
N ASP A 60 -10.37 -14.64 -10.33
CA ASP A 60 -10.11 -14.36 -8.92
C ASP A 60 -9.37 -15.54 -8.28
N THR A 61 -8.05 -15.55 -8.37
CA THR A 61 -7.28 -16.63 -7.81
C THR A 61 -7.19 -16.57 -6.29
N ALA A 62 -6.61 -17.63 -5.70
CA ALA A 62 -6.48 -17.73 -4.25
C ALA A 62 -5.09 -17.38 -3.78
N GLY A 63 -5.03 -16.46 -2.81
CA GLY A 63 -3.75 -16.03 -2.28
C GLY A 63 -3.05 -16.97 -1.30
N LEU A 64 -3.83 -17.71 -0.49
CA LEU A 64 -3.26 -18.64 0.49
C LEU A 64 -2.60 -19.81 -0.21
N GLU A 65 -1.39 -20.12 0.24
CA GLU A 65 -0.62 -21.24 -0.33
C GLU A 65 -1.47 -22.50 -0.27
N LYS A 66 -1.91 -22.86 0.93
CA LYS A 66 -2.71 -24.06 1.12
C LYS A 66 -3.88 -24.23 0.17
N PHE A 67 -4.40 -23.12 -0.36
CA PHE A 67 -5.54 -23.18 -1.29
C PHE A 67 -5.17 -22.74 -2.71
N GLY A 68 -3.87 -22.74 -3.01
CA GLY A 68 -3.42 -22.30 -4.32
C GLY A 68 -4.02 -22.94 -5.55
N GLY A 69 -4.52 -24.17 -5.46
CA GLY A 69 -5.12 -24.83 -6.60
C GLY A 69 -4.15 -25.02 -7.76
N LEU A 70 -4.51 -24.48 -8.92
CA LEU A 70 -3.68 -24.58 -10.10
C LEU A 70 -3.03 -23.23 -10.36
N ARG A 71 -2.45 -22.57 -9.36
CA ARG A 71 -1.91 -21.24 -9.64
C ARG A 71 -1.27 -21.00 -11.01
N ASP A 72 -0.19 -21.68 -11.35
CA ASP A 72 0.42 -21.43 -12.67
C ASP A 72 -0.63 -21.59 -13.78
N GLY A 73 -1.40 -22.68 -13.68
CA GLY A 73 -2.41 -23.00 -14.67
C GLY A 73 -3.53 -22.02 -14.95
N TYR A 74 -3.90 -21.16 -14.01
CA TYR A 74 -4.96 -20.20 -14.27
C TYR A 74 -4.45 -19.06 -15.17
N TYR A 75 -3.14 -18.86 -15.20
CA TYR A 75 -2.57 -17.76 -15.98
C TYR A 75 -2.65 -17.92 -17.51
N ILE A 76 -2.67 -19.15 -17.98
CA ILE A 76 -2.74 -19.45 -19.41
C ILE A 76 -3.78 -18.59 -20.15
N ASN A 77 -3.41 -18.06 -21.31
CA ASN A 77 -4.31 -17.25 -22.12
C ASN A 77 -4.86 -15.99 -21.45
N ALA A 78 -4.04 -15.32 -20.64
CA ALA A 78 -4.49 -14.11 -19.99
C ALA A 78 -4.15 -12.96 -20.91
N GLN A 79 -5.07 -12.01 -21.03
CA GLN A 79 -4.82 -10.84 -21.84
C GLN A 79 -4.30 -9.75 -20.93
N CYS A 80 -4.43 -9.94 -19.62
CA CYS A 80 -3.98 -8.98 -18.63
C CYS A 80 -4.16 -9.45 -17.18
N ALA A 81 -3.63 -8.64 -16.26
CA ALA A 81 -3.70 -8.99 -14.86
C ALA A 81 -3.72 -7.80 -13.88
N ILE A 82 -4.02 -8.12 -12.62
CA ILE A 82 -4.05 -7.15 -11.53
C ILE A 82 -3.41 -7.85 -10.34
N ILE A 83 -2.32 -7.30 -9.82
CA ILE A 83 -1.66 -7.88 -8.65
C ILE A 83 -2.08 -7.00 -7.48
N MET A 84 -2.67 -7.59 -6.44
CA MET A 84 -3.10 -6.80 -5.28
C MET A 84 -2.34 -6.98 -3.95
N PHE A 85 -2.20 -5.90 -3.18
CA PHE A 85 -1.56 -6.01 -1.88
C PHE A 85 -2.23 -5.13 -0.84
N ASP A 86 -1.96 -5.45 0.42
CA ASP A 86 -2.54 -4.72 1.55
C ASP A 86 -1.59 -3.59 1.87
N VAL A 87 -2.11 -2.38 2.00
CA VAL A 87 -1.24 -1.25 2.29
C VAL A 87 -0.93 -1.19 3.78
N THR A 88 -1.64 -2.01 4.55
CA THR A 88 -1.43 -2.04 5.99
C THR A 88 -0.66 -3.29 6.42
N SER A 89 -0.05 -3.97 5.45
CA SER A 89 0.71 -5.19 5.72
C SER A 89 1.97 -5.29 4.83
N ARG A 90 3.11 -4.94 5.41
CA ARG A 90 4.39 -4.98 4.71
C ARG A 90 4.71 -6.30 4.00
N ILE A 91 4.15 -7.39 4.50
CA ILE A 91 4.43 -8.71 3.92
C ILE A 91 3.74 -8.93 2.59
N THR A 92 2.52 -8.42 2.43
CA THR A 92 1.81 -8.60 1.19
C THR A 92 2.50 -7.85 0.05
N TYR A 93 3.25 -6.80 0.41
CA TYR A 93 3.96 -6.01 -0.58
C TYR A 93 5.32 -6.62 -0.93
N LYS A 94 6.04 -7.11 0.08
CA LYS A 94 7.34 -7.69 -0.19
C LYS A 94 7.19 -8.92 -1.08
N ASN A 95 5.95 -9.43 -1.18
CA ASN A 95 5.68 -10.61 -1.99
C ASN A 95 5.24 -10.33 -3.43
N VAL A 96 4.91 -9.07 -3.73
CA VAL A 96 4.49 -8.66 -5.06
C VAL A 96 5.47 -9.14 -6.14
N PRO A 97 6.78 -9.04 -5.87
CA PRO A 97 7.76 -9.49 -6.86
C PRO A 97 7.60 -10.94 -7.27
N ASN A 98 7.19 -11.78 -6.33
CA ASN A 98 7.02 -13.19 -6.60
C ASN A 98 5.78 -13.49 -7.43
N TRP A 99 4.68 -12.77 -7.16
CA TRP A 99 3.47 -12.94 -7.94
C TRP A 99 3.73 -12.52 -9.38
N HIS A 100 4.36 -11.36 -9.54
CA HIS A 100 4.73 -10.81 -10.84
C HIS A 100 5.60 -11.78 -11.62
N ARG A 101 6.62 -12.31 -10.96
CA ARG A 101 7.55 -13.24 -11.59
C ARG A 101 6.82 -14.41 -12.27
N ASP A 102 5.77 -14.91 -11.62
CA ASP A 102 5.04 -16.04 -12.17
C ASP A 102 4.06 -15.71 -13.25
N LEU A 103 3.54 -14.49 -13.23
CA LEU A 103 2.61 -14.12 -14.29
C LEU A 103 3.48 -14.04 -15.56
N VAL A 104 4.62 -13.37 -15.43
CA VAL A 104 5.54 -13.20 -16.55
C VAL A 104 5.97 -14.53 -17.16
N ARG A 105 6.19 -15.52 -16.30
CA ARG A 105 6.61 -16.84 -16.76
C ARG A 105 5.58 -17.44 -17.70
N VAL A 106 4.31 -17.10 -17.51
CA VAL A 106 3.26 -17.66 -18.36
C VAL A 106 2.89 -16.72 -19.48
N CYS A 107 2.65 -15.46 -19.15
CA CYS A 107 2.30 -14.48 -20.17
C CYS A 107 3.32 -13.38 -20.04
N GLU A 108 3.93 -12.99 -21.15
CA GLU A 108 4.91 -11.93 -21.07
C GLU A 108 4.38 -10.66 -21.72
N ASN A 109 4.70 -9.53 -21.10
CA ASN A 109 4.28 -8.24 -21.64
C ASN A 109 2.79 -7.93 -21.60
N ILE A 110 2.00 -8.76 -20.92
CA ILE A 110 0.60 -8.39 -20.87
C ILE A 110 0.56 -7.22 -19.91
N PRO A 111 -0.44 -6.33 -20.04
CA PRO A 111 -0.52 -5.18 -19.13
C PRO A 111 -0.84 -5.63 -17.70
N ILE A 112 -0.19 -5.03 -16.70
CA ILE A 112 -0.44 -5.42 -15.32
C ILE A 112 -0.64 -4.17 -14.48
N VAL A 113 -1.65 -4.18 -13.62
CA VAL A 113 -1.90 -3.04 -12.76
C VAL A 113 -1.67 -3.51 -11.31
N LEU A 114 -0.90 -2.74 -10.55
CA LEU A 114 -0.59 -3.08 -9.17
C LEU A 114 -1.42 -2.19 -8.25
N CYS A 115 -2.28 -2.75 -7.42
CA CYS A 115 -3.10 -1.93 -6.52
C CYS A 115 -2.75 -2.06 -5.03
N GLY A 116 -2.67 -0.91 -4.36
CA GLY A 116 -2.40 -0.91 -2.93
C GLY A 116 -3.77 -0.70 -2.33
N ASN A 117 -4.34 -1.74 -1.73
CA ASN A 117 -5.67 -1.69 -1.14
C ASN A 117 -5.67 -1.29 0.36
N LYS A 118 -6.86 -0.91 0.83
CA LYS A 118 -7.06 -0.50 2.21
C LYS A 118 -6.33 0.79 2.60
N VAL A 119 -6.29 1.77 1.70
CA VAL A 119 -5.62 3.02 2.03
C VAL A 119 -6.54 3.83 2.92
N ASP A 120 -7.78 3.37 3.09
CA ASP A 120 -8.75 4.07 3.93
C ASP A 120 -8.39 3.88 5.41
N VAL A 121 -7.58 2.87 5.69
CA VAL A 121 -7.15 2.58 7.05
C VAL A 121 -6.15 3.62 7.51
N LYS A 122 -6.49 4.38 8.55
CA LYS A 122 -5.63 5.43 9.08
C LYS A 122 -4.13 5.11 9.15
N GLU A 123 -3.75 3.94 9.65
CA GLU A 123 -2.31 3.68 9.71
C GLU A 123 -1.73 2.82 8.60
N ARG A 124 -1.31 3.52 7.54
CA ARG A 124 -0.71 2.91 6.36
C ARG A 124 0.72 2.53 6.73
N LYS A 125 1.25 1.46 6.15
CA LYS A 125 2.62 1.03 6.47
C LYS A 125 3.49 0.92 5.22
N VAL A 126 2.91 1.26 4.08
CA VAL A 126 3.60 1.23 2.80
C VAL A 126 3.20 2.53 2.11
N LYS A 127 4.09 3.52 2.15
CA LYS A 127 3.80 4.81 1.55
C LYS A 127 3.90 4.79 0.04
N ALA A 128 2.84 5.29 -0.60
CA ALA A 128 2.73 5.33 -2.07
C ALA A 128 3.96 5.82 -2.81
N LYS A 129 4.80 6.60 -2.13
CA LYS A 129 6.02 7.14 -2.74
C LYS A 129 7.05 6.03 -2.99
N THR A 130 6.95 4.96 -2.20
CA THR A 130 7.85 3.79 -2.29
C THR A 130 7.65 2.93 -3.55
N ILE A 131 6.43 2.90 -4.08
CA ILE A 131 6.11 2.09 -5.27
C ILE A 131 6.98 2.44 -6.48
N THR A 132 7.70 1.45 -6.99
CA THR A 132 8.59 1.60 -8.13
C THR A 132 8.17 0.71 -9.29
N PHE A 133 7.06 0.00 -9.07
CA PHE A 133 6.50 -0.93 -10.03
C PHE A 133 6.15 -0.32 -11.38
N HIS A 134 5.35 0.75 -11.35
CA HIS A 134 4.89 1.41 -12.56
C HIS A 134 5.95 2.07 -13.45
N ARG A 135 7.22 1.78 -13.18
CA ARG A 135 8.30 2.36 -13.97
C ARG A 135 8.42 1.66 -15.33
N LYS A 136 7.47 0.79 -15.65
CA LYS A 136 7.47 0.09 -16.93
C LYS A 136 6.27 0.60 -17.73
N LYS A 137 6.38 0.56 -19.06
CA LYS A 137 5.32 1.06 -19.95
C LYS A 137 4.00 0.28 -19.88
N ASN A 138 4.09 -1.03 -19.66
CA ASN A 138 2.91 -1.88 -19.56
C ASN A 138 2.56 -2.14 -18.08
N LEU A 139 3.16 -1.36 -17.18
CA LEU A 139 2.93 -1.48 -15.74
C LEU A 139 2.36 -0.18 -15.20
N GLN A 140 1.51 -0.28 -14.18
CA GLN A 140 0.85 0.86 -13.58
C GLN A 140 0.48 0.59 -12.12
N TYR A 141 0.39 1.65 -11.33
CA TYR A 141 0.06 1.50 -9.91
C TYR A 141 -1.11 2.39 -9.53
N TYR A 142 -1.82 2.01 -8.48
CA TYR A 142 -2.95 2.78 -7.98
C TYR A 142 -3.22 2.52 -6.50
N ASP A 143 -3.62 3.57 -5.79
CA ASP A 143 -3.99 3.44 -4.39
C ASP A 143 -5.47 3.16 -4.51
N ILE A 144 -5.92 2.02 -4.00
CA ILE A 144 -7.35 1.71 -4.05
C ILE A 144 -7.92 1.39 -2.67
N SER A 145 -9.25 1.51 -2.56
CA SER A 145 -9.93 1.18 -1.32
C SER A 145 -11.27 0.55 -1.67
N ALA A 146 -11.32 -0.78 -1.61
CA ALA A 146 -12.54 -1.50 -1.90
C ALA A 146 -13.62 -1.10 -0.91
N LYS A 147 -13.19 -0.56 0.24
CA LYS A 147 -14.14 -0.16 1.25
C LYS A 147 -14.64 1.27 1.03
N SER A 148 -13.74 2.21 0.81
CA SER A 148 -14.14 3.59 0.63
C SER A 148 -14.50 3.89 -0.82
N ASN A 149 -14.36 2.89 -1.68
CA ASN A 149 -14.70 3.06 -3.09
C ASN A 149 -13.71 4.00 -3.79
N TYR A 150 -12.53 4.17 -3.20
CA TYR A 150 -11.51 5.07 -3.75
C TYR A 150 -10.65 4.49 -4.88
N ASN A 151 -10.77 5.10 -6.08
CA ASN A 151 -10.05 4.66 -7.29
C ASN A 151 -10.56 3.28 -7.66
N PHE A 152 -11.82 3.09 -7.31
CA PHE A 152 -12.51 1.84 -7.57
C PHE A 152 -12.38 1.29 -8.98
N GLU A 153 -12.62 2.14 -9.98
CA GLU A 153 -12.54 1.78 -11.42
C GLU A 153 -11.18 1.96 -12.15
N LYS A 154 -10.31 2.80 -11.61
CA LYS A 154 -9.00 3.06 -12.23
C LYS A 154 -8.27 1.90 -12.94
N PRO A 155 -8.02 0.76 -12.24
CA PRO A 155 -7.32 -0.40 -12.82
C PRO A 155 -7.97 -0.96 -14.06
N PHE A 156 -9.27 -1.12 -13.98
CA PHE A 156 -10.02 -1.61 -15.11
C PHE A 156 -10.02 -0.63 -16.30
N LEU A 157 -10.00 0.68 -16.00
CA LEU A 157 -9.99 1.69 -17.03
C LEU A 157 -8.65 1.69 -17.72
N TRP A 158 -7.57 1.68 -16.94
CA TRP A 158 -6.24 1.69 -17.51
C TRP A 158 -6.08 0.49 -18.44
N LEU A 159 -6.30 -0.69 -17.87
CA LEU A 159 -6.20 -1.92 -18.62
C LEU A 159 -7.04 -1.86 -19.89
N ALA A 160 -8.30 -1.44 -19.77
CA ALA A 160 -9.21 -1.35 -20.90
C ALA A 160 -8.60 -0.49 -22.00
N ARG A 161 -8.07 0.67 -21.64
CA ARG A 161 -7.42 1.56 -22.60
C ARG A 161 -6.20 0.90 -23.25
N LYS A 162 -5.32 0.32 -22.44
CA LYS A 162 -4.16 -0.36 -23.00
C LYS A 162 -4.57 -1.46 -23.97
N LEU A 163 -5.56 -2.26 -23.57
CA LEU A 163 -6.06 -3.38 -24.36
C LEU A 163 -6.66 -2.99 -25.71
N ALA A 164 -7.45 -1.92 -25.71
CA ALA A 164 -8.09 -1.45 -26.93
C ALA A 164 -7.25 -0.35 -27.60
N GLY A 165 -5.99 -0.22 -27.17
CA GLY A 165 -5.11 0.80 -27.72
C GLY A 165 -5.83 2.11 -28.02
N ASN A 166 -6.55 2.61 -27.03
CA ASN A 166 -7.30 3.85 -27.18
C ASN A 166 -7.39 4.61 -25.86
N PRO A 167 -6.44 5.54 -25.64
CA PRO A 167 -6.35 6.37 -24.44
C PRO A 167 -7.61 7.21 -24.21
N GLN A 168 -8.48 7.21 -25.20
CA GLN A 168 -9.67 8.02 -25.13
C GLN A 168 -10.86 7.39 -24.41
N LEU A 169 -10.76 6.09 -24.11
CA LEU A 169 -11.82 5.34 -23.41
C LEU A 169 -12.20 5.96 -22.06
N GLU A 170 -13.50 6.01 -21.81
CA GLU A 170 -14.03 6.53 -20.54
C GLU A 170 -15.24 5.66 -20.23
N PHE A 171 -15.43 5.32 -18.96
CA PHE A 171 -16.57 4.48 -18.60
C PHE A 171 -17.83 5.34 -18.57
N VAL A 172 -18.96 4.75 -18.92
CA VAL A 172 -20.21 5.50 -18.91
C VAL A 172 -21.13 4.97 -17.81
N ALA B 18 -19.44 -40.66 -14.62
CA ALA B 18 -18.25 -41.30 -13.95
C ALA B 18 -16.96 -41.04 -14.73
N LEU B 19 -16.24 -39.96 -14.39
CA LEU B 19 -15.00 -39.61 -15.10
C LEU B 19 -13.70 -39.81 -14.33
N ASP B 20 -12.91 -40.80 -14.73
CA ASP B 20 -11.64 -41.07 -14.09
C ASP B 20 -10.60 -40.10 -14.64
N PHE B 21 -9.46 -40.01 -13.96
CA PHE B 21 -8.39 -39.12 -14.38
C PHE B 21 -7.47 -39.70 -15.44
N THR B 22 -8.00 -39.84 -16.64
CA THR B 22 -7.25 -40.36 -17.78
C THR B 22 -6.87 -39.13 -18.62
N VAL B 23 -5.85 -39.27 -19.48
CA VAL B 23 -5.43 -38.16 -20.35
C VAL B 23 -6.61 -37.59 -21.13
N GLU B 24 -7.38 -38.48 -21.75
CA GLU B 24 -8.55 -38.11 -22.53
C GLU B 24 -9.45 -37.13 -21.78
N ASN B 25 -9.75 -37.45 -20.53
CA ASN B 25 -10.63 -36.61 -19.74
C ASN B 25 -9.99 -35.32 -19.25
N VAL B 26 -8.68 -35.35 -19.06
CA VAL B 26 -7.99 -34.14 -18.62
C VAL B 26 -8.04 -33.18 -19.81
N GLU B 27 -7.69 -33.67 -21.00
CA GLU B 27 -7.70 -32.84 -22.19
C GLU B 27 -9.04 -32.18 -22.37
N LYS B 28 -10.11 -32.97 -22.31
CA LYS B 28 -11.43 -32.40 -22.45
C LYS B 28 -11.61 -31.30 -21.43
N ALA B 29 -11.19 -31.58 -20.19
CA ALA B 29 -11.30 -30.62 -19.10
C ALA B 29 -10.58 -29.31 -19.40
N LEU B 30 -9.31 -29.41 -19.77
CA LEU B 30 -8.50 -28.26 -20.10
C LEU B 30 -9.13 -27.48 -21.23
N HIS B 31 -9.55 -28.17 -22.29
CA HIS B 31 -10.19 -27.50 -23.41
C HIS B 31 -11.36 -26.69 -22.89
N GLN B 32 -12.10 -27.28 -21.97
CA GLN B 32 -13.25 -26.59 -21.42
C GLN B 32 -12.79 -25.35 -20.70
N LEU B 33 -11.90 -25.52 -19.74
CA LEU B 33 -11.41 -24.39 -18.96
C LEU B 33 -10.90 -23.22 -19.83
N TYR B 34 -10.11 -23.55 -20.85
CA TYR B 34 -9.53 -22.57 -21.74
C TYR B 34 -10.41 -22.04 -22.88
N TYR B 35 -11.33 -22.86 -23.40
CA TYR B 35 -12.14 -22.39 -24.53
C TYR B 35 -13.67 -22.35 -24.41
N ASP B 36 -14.25 -23.13 -23.52
CA ASP B 36 -15.70 -23.08 -23.38
C ASP B 36 -16.06 -21.75 -22.74
N PRO B 37 -16.69 -20.84 -23.50
CA PRO B 37 -17.09 -19.52 -22.99
C PRO B 37 -18.02 -19.52 -21.75
N ASN B 38 -18.67 -20.65 -21.49
CA ASN B 38 -19.58 -20.77 -20.33
C ASN B 38 -18.77 -20.67 -19.03
N ILE B 39 -19.15 -19.73 -18.18
CA ILE B 39 -18.46 -19.52 -16.91
C ILE B 39 -18.69 -20.65 -15.90
N GLU B 40 -19.95 -21.03 -15.73
CA GLU B 40 -20.30 -22.10 -14.81
C GLU B 40 -19.45 -23.32 -15.14
N ASN B 41 -19.29 -23.54 -16.44
CA ASN B 41 -18.52 -24.66 -16.95
C ASN B 41 -17.02 -24.50 -16.67
N LYS B 42 -16.51 -23.27 -16.73
CA LYS B 42 -15.08 -23.09 -16.50
C LYS B 42 -14.79 -23.44 -15.07
N ASN B 43 -15.63 -22.91 -14.18
CA ASN B 43 -15.46 -23.18 -12.75
C ASN B 43 -15.56 -24.67 -12.48
N LEU B 44 -16.53 -25.34 -13.10
CA LEU B 44 -16.67 -26.77 -12.90
C LEU B 44 -15.41 -27.53 -13.33
N ALA B 45 -14.88 -27.18 -14.48
CA ALA B 45 -13.69 -27.84 -15.00
C ALA B 45 -12.51 -27.61 -14.07
N GLN B 46 -12.29 -26.35 -13.69
CA GLN B 46 -11.16 -26.06 -12.81
C GLN B 46 -11.21 -26.90 -11.51
N LYS B 47 -12.39 -27.11 -10.93
CA LYS B 47 -12.51 -27.90 -9.70
C LYS B 47 -12.06 -29.34 -9.92
N TRP B 48 -12.52 -29.89 -11.04
CA TRP B 48 -12.17 -31.26 -11.40
C TRP B 48 -10.67 -31.35 -11.69
N LEU B 49 -10.14 -30.34 -12.37
CA LEU B 49 -8.72 -30.35 -12.72
C LEU B 49 -7.82 -30.28 -11.49
N GLN B 51 -8.60 -31.76 -8.72
CA GLN B 51 -8.66 -33.13 -8.22
C GLN B 51 -7.70 -34.01 -9.00
N ALA B 52 -7.72 -33.87 -10.33
CA ALA B 52 -6.86 -34.68 -11.19
C ALA B 52 -5.40 -34.44 -10.90
N GLN B 53 -5.09 -33.19 -10.56
CA GLN B 53 -3.73 -32.77 -10.26
C GLN B 53 -3.15 -33.48 -9.02
N VAL B 54 -3.98 -33.60 -7.99
CA VAL B 54 -3.59 -34.23 -6.75
C VAL B 54 -3.63 -35.76 -6.84
N SER B 55 -4.47 -36.30 -7.72
CA SER B 55 -4.59 -37.74 -7.87
C SER B 55 -3.25 -38.35 -8.30
N PRO B 56 -3.00 -39.60 -7.90
CA PRO B 56 -1.74 -40.22 -8.29
C PRO B 56 -1.73 -40.55 -9.79
N GLN B 57 -2.87 -40.40 -10.46
CA GLN B 57 -2.89 -40.64 -11.90
C GLN B 57 -2.06 -39.55 -12.55
N ALA B 58 -2.08 -38.37 -11.94
CA ALA B 58 -1.33 -37.22 -12.42
C ALA B 58 0.10 -37.62 -12.76
N TRP B 59 0.62 -38.65 -12.09
CA TRP B 59 1.99 -39.13 -12.36
C TRP B 59 2.09 -39.94 -13.65
N HIS B 60 0.96 -40.22 -14.30
CA HIS B 60 0.98 -40.97 -15.55
C HIS B 60 0.46 -40.08 -16.68
N PHE B 61 -0.68 -39.43 -16.44
CA PHE B 61 -1.25 -38.59 -17.47
C PHE B 61 -0.48 -37.31 -17.78
N SER B 62 0.33 -36.80 -16.85
CA SER B 62 1.04 -35.57 -17.12
C SER B 62 2.15 -35.77 -18.17
N TRP B 63 2.87 -36.89 -18.11
CA TRP B 63 3.91 -37.18 -19.13
C TRP B 63 3.28 -37.41 -20.52
N GLN B 64 2.00 -37.79 -20.52
CA GLN B 64 1.29 -38.03 -21.77
C GLN B 64 0.86 -36.69 -22.37
N LEU B 65 0.65 -35.70 -21.51
CA LEU B 65 0.25 -34.37 -21.96
C LEU B 65 1.44 -33.65 -22.57
N LEU B 66 2.64 -34.04 -22.15
CA LEU B 66 3.89 -33.42 -22.62
C LEU B 66 4.41 -34.04 -23.91
N GLN B 67 3.52 -34.73 -24.61
CA GLN B 67 3.86 -35.36 -25.87
C GLN B 67 3.69 -34.31 -26.98
N PRO B 68 4.55 -34.39 -28.01
CA PRO B 68 4.58 -33.49 -29.17
C PRO B 68 3.23 -33.57 -29.87
N ASP B 69 2.52 -34.61 -29.50
CA ASP B 69 1.20 -34.93 -29.98
C ASP B 69 0.17 -33.85 -29.62
N LYS B 70 0.40 -33.13 -28.53
CA LYS B 70 -0.59 -32.12 -28.09
C LYS B 70 -0.16 -30.66 -28.07
N VAL B 71 -1.17 -29.80 -28.18
CA VAL B 71 -1.04 -28.34 -28.16
C VAL B 71 -0.23 -27.86 -26.95
N PRO B 72 0.45 -26.70 -27.04
CA PRO B 72 1.24 -26.19 -25.92
C PRO B 72 0.52 -25.91 -24.60
N GLU B 73 -0.63 -25.24 -24.62
CA GLU B 73 -1.30 -24.97 -23.34
C GLU B 73 -1.75 -26.26 -22.67
N ILE B 74 -1.86 -27.32 -23.44
CA ILE B 74 -2.26 -28.59 -22.87
C ILE B 74 -1.02 -29.18 -22.21
N GLN B 75 0.06 -29.27 -22.97
CA GLN B 75 1.33 -29.78 -22.47
C GLN B 75 1.68 -29.03 -21.19
N TYR B 76 1.41 -27.73 -21.20
CA TYR B 76 1.73 -26.88 -20.06
C TYR B 76 1.24 -27.46 -18.75
N PHE B 77 -0.03 -27.84 -18.72
CA PHE B 77 -0.64 -28.39 -17.52
C PHE B 77 0.13 -29.59 -17.00
N GLY B 78 0.59 -30.43 -17.91
CA GLY B 78 1.35 -31.59 -17.48
C GLY B 78 2.54 -31.18 -16.64
N ALA B 79 3.32 -30.22 -17.12
CA ALA B 79 4.50 -29.75 -16.39
C ALA B 79 4.08 -29.01 -15.12
N SER B 80 2.93 -28.36 -15.19
CA SER B 80 2.38 -27.60 -14.07
C SER B 80 2.04 -28.55 -12.92
N ALA B 81 1.43 -29.67 -13.27
CA ALA B 81 1.06 -30.66 -12.28
C ALA B 81 2.31 -31.21 -11.60
N LEU B 82 3.29 -31.58 -12.42
CA LEU B 82 4.55 -32.12 -11.90
C LEU B 82 5.25 -31.18 -10.93
N HIS B 83 5.21 -29.89 -11.22
CA HIS B 83 5.86 -28.94 -10.35
C HIS B 83 5.11 -28.83 -9.03
N ILE B 84 3.78 -28.89 -9.09
CA ILE B 84 3.00 -28.77 -7.86
C ILE B 84 3.11 -30.01 -6.99
N LYS B 85 3.02 -31.19 -7.59
CA LYS B 85 3.13 -32.40 -6.80
C LYS B 85 4.52 -32.45 -6.16
N ILE B 86 5.55 -32.08 -6.92
CA ILE B 86 6.90 -32.11 -6.37
C ILE B 86 7.17 -31.08 -5.28
N SER B 87 6.71 -29.86 -5.48
CA SER B 87 6.96 -28.80 -4.52
C SER B 87 5.99 -28.75 -3.35
N ARG B 88 4.80 -29.32 -3.51
CA ARG B 88 3.84 -29.29 -2.42
C ARG B 88 3.35 -30.62 -1.83
N TYR B 89 3.79 -31.75 -2.37
CA TYR B 89 3.39 -33.06 -1.86
C TYR B 89 4.59 -34.00 -1.84
N TRP B 90 5.73 -33.46 -1.41
CA TRP B 90 6.96 -34.22 -1.41
C TRP B 90 6.94 -35.53 -0.64
N SER B 91 6.28 -35.50 0.51
CA SER B 91 6.19 -36.68 1.36
C SER B 91 5.49 -37.84 0.64
N ASP B 92 4.71 -37.53 -0.38
CA ASP B 92 4.01 -38.57 -1.12
C ASP B 92 4.85 -39.16 -2.20
N ILE B 93 6.13 -38.83 -2.19
CA ILE B 93 6.99 -39.36 -3.21
C ILE B 93 7.94 -40.36 -2.62
N PRO B 94 7.77 -41.63 -3.01
CA PRO B 94 8.61 -42.73 -2.54
C PRO B 94 10.05 -42.45 -3.00
N THR B 95 11.02 -42.75 -2.15
CA THR B 95 12.42 -42.53 -2.51
C THR B 95 12.85 -43.31 -3.75
N ASP B 96 12.23 -44.44 -4.03
CA ASP B 96 12.60 -45.22 -5.20
C ASP B 96 12.22 -44.49 -6.51
N GLN B 97 11.56 -43.35 -6.38
CA GLN B 97 11.15 -42.58 -7.54
C GLN B 97 12.07 -41.40 -7.86
N TYR B 98 12.86 -40.96 -6.87
CA TYR B 98 13.74 -39.80 -7.05
C TYR B 98 14.57 -39.77 -8.35
N GLU B 99 15.49 -40.71 -8.51
CA GLU B 99 16.36 -40.74 -9.67
C GLU B 99 15.64 -40.87 -11.00
N SER B 100 14.62 -41.71 -11.07
CA SER B 100 13.89 -41.90 -12.32
C SER B 100 13.04 -40.68 -12.65
N LEU B 101 12.70 -39.91 -11.63
CA LEU B 101 11.91 -38.70 -11.81
C LEU B 101 12.88 -37.65 -12.31
N LYS B 102 14.04 -37.62 -11.67
CA LYS B 102 15.11 -36.68 -12.02
C LYS B 102 15.37 -36.87 -13.51
N ALA B 103 15.65 -38.10 -13.90
CA ALA B 103 15.94 -38.42 -15.29
C ALA B 103 14.83 -38.04 -16.27
N GLN B 104 13.58 -38.28 -15.89
CA GLN B 104 12.48 -37.97 -16.80
C GLN B 104 12.34 -36.48 -17.00
N LEU B 105 12.63 -35.70 -15.98
CA LEU B 105 12.51 -34.27 -16.13
C LEU B 105 13.60 -33.80 -17.10
N PHE B 106 14.81 -34.31 -16.90
CA PHE B 106 15.92 -33.95 -17.78
C PHE B 106 15.56 -34.25 -19.23
N THR B 107 15.10 -35.46 -19.49
CA THR B 107 14.74 -35.85 -20.84
C THR B 107 13.76 -34.90 -21.49
N GLN B 108 12.66 -34.63 -20.79
CA GLN B 108 11.64 -33.75 -21.30
C GLN B 108 12.13 -32.32 -21.50
N ILE B 109 13.07 -31.92 -20.65
CA ILE B 109 13.64 -30.59 -20.76
C ILE B 109 14.46 -30.52 -22.04
N THR B 110 15.23 -31.57 -22.30
CA THR B 110 16.02 -31.60 -23.51
C THR B 110 15.08 -31.53 -24.71
N ARG B 111 13.99 -32.29 -24.67
CA ARG B 111 13.02 -32.27 -25.76
C ARG B 111 12.30 -30.94 -25.99
N PHE B 112 11.89 -30.27 -24.92
CA PHE B 112 11.17 -29.01 -25.09
C PHE B 112 12.04 -27.81 -25.44
N ALA B 113 13.33 -28.06 -25.70
CA ALA B 113 14.21 -26.97 -26.08
C ALA B 113 13.70 -26.43 -27.43
N SER B 114 13.19 -27.32 -28.26
CA SER B 114 12.64 -26.98 -29.58
C SER B 114 11.20 -26.45 -29.45
N GLY B 115 10.48 -26.97 -28.45
CA GLY B 115 9.09 -26.58 -28.25
C GLY B 115 8.83 -25.35 -27.42
N SER B 116 7.59 -25.23 -26.95
CA SER B 116 7.13 -24.11 -26.15
C SER B 116 8.09 -23.71 -25.04
N LYS B 117 8.44 -22.42 -25.00
CA LYS B 117 9.34 -21.89 -23.99
C LYS B 117 8.64 -21.78 -22.64
N ILE B 118 7.32 -21.62 -22.69
CA ILE B 118 6.52 -21.49 -21.49
C ILE B 118 6.55 -22.81 -20.71
N VAL B 119 6.39 -23.91 -21.44
CA VAL B 119 6.44 -25.25 -20.87
C VAL B 119 7.88 -25.56 -20.44
N LEU B 120 8.85 -25.18 -21.27
CA LEU B 120 10.25 -25.42 -20.96
C LEU B 120 10.57 -24.82 -19.59
N THR B 121 10.01 -23.65 -19.33
CA THR B 121 10.24 -22.94 -18.07
C THR B 121 9.63 -23.70 -16.88
N ARG B 122 8.38 -24.12 -17.05
CA ARG B 122 7.68 -24.82 -15.99
C ARG B 122 8.40 -26.14 -15.69
N LEU B 123 8.90 -26.80 -16.74
CA LEU B 123 9.62 -28.05 -16.54
C LEU B 123 10.86 -27.77 -15.73
N CYS B 124 11.53 -26.67 -16.05
CA CYS B 124 12.73 -26.28 -15.30
C CYS B 124 12.41 -26.00 -13.84
N VAL B 125 11.32 -25.29 -13.60
CA VAL B 125 10.91 -24.96 -12.25
C VAL B 125 10.71 -26.26 -11.48
N ALA B 126 10.13 -27.25 -12.17
CA ALA B 126 9.88 -28.56 -11.59
C ALA B 126 11.18 -29.23 -11.15
N LEU B 127 12.08 -29.47 -12.10
CA LEU B 127 13.37 -30.09 -11.81
C LEU B 127 14.16 -29.31 -10.76
N ALA B 128 13.85 -28.02 -10.63
CA ALA B 128 14.53 -27.17 -9.66
C ALA B 128 13.96 -27.43 -8.28
N SER B 129 12.67 -27.77 -8.18
CA SER B 129 12.06 -28.04 -6.87
C SER B 129 12.62 -29.37 -6.38
N LEU B 130 12.65 -30.32 -7.30
CA LEU B 130 13.18 -31.64 -7.01
C LEU B 130 14.58 -31.47 -6.46
N ALA B 131 15.40 -30.73 -7.21
CA ALA B 131 16.79 -30.44 -6.86
C ALA B 131 16.94 -29.89 -5.45
N LEU B 132 16.17 -28.86 -5.13
CA LEU B 132 16.26 -28.25 -3.82
C LEU B 132 15.79 -29.18 -2.70
N SER B 133 14.96 -30.16 -3.03
CA SER B 133 14.41 -31.06 -2.03
C SER B 133 15.32 -32.22 -1.60
N PRO B 136 20.71 -31.27 -0.28
CA PRO B 136 21.69 -31.34 0.81
C PRO B 136 22.13 -32.76 1.14
N ASP B 137 21.16 -33.67 1.21
CA ASP B 137 21.44 -35.06 1.56
C ASP B 137 21.56 -36.06 0.41
N ALA B 138 20.45 -36.30 -0.30
CA ALA B 138 20.39 -37.27 -1.39
C ALA B 138 21.11 -36.91 -2.70
N TRP B 139 21.00 -35.66 -3.14
CA TRP B 139 21.66 -35.22 -4.36
C TRP B 139 22.72 -34.24 -3.89
N PRO B 140 23.92 -34.74 -3.61
CA PRO B 140 25.04 -33.94 -3.12
C PRO B 140 25.46 -32.74 -3.98
N CYS B 141 25.71 -33.02 -5.25
CA CYS B 141 26.14 -31.97 -6.18
C CYS B 141 25.12 -31.78 -7.30
N ALA B 142 24.07 -31.05 -6.99
CA ALA B 142 23.07 -30.82 -8.00
C ALA B 142 23.56 -29.92 -9.12
N VAL B 143 23.95 -28.70 -8.77
CA VAL B 143 24.42 -27.73 -9.75
C VAL B 143 25.51 -28.28 -10.65
N ALA B 144 26.53 -28.85 -10.04
CA ALA B 144 27.66 -29.40 -10.78
C ALA B 144 27.23 -30.51 -11.74
N ASP B 145 26.25 -31.30 -11.34
CA ASP B 145 25.75 -32.40 -12.16
C ASP B 145 24.87 -31.93 -13.30
N VAL B 147 25.28 -29.17 -14.93
CA VAL B 147 26.22 -28.69 -15.91
C VAL B 147 26.81 -29.87 -16.70
N ARG B 148 27.37 -30.82 -15.98
CA ARG B 148 27.97 -31.99 -16.61
C ARG B 148 26.99 -32.71 -17.54
N LEU B 149 25.77 -32.90 -17.06
CA LEU B 149 24.74 -33.60 -17.83
C LEU B 149 24.27 -32.88 -19.08
N PHE B 150 24.01 -31.58 -18.96
CA PHE B 150 23.54 -30.81 -20.10
C PHE B 150 24.54 -30.61 -21.23
N GLN B 151 25.82 -30.83 -20.94
CA GLN B 151 26.87 -30.67 -21.96
C GLN B 151 27.20 -32.02 -22.60
N ALA B 152 26.88 -32.14 -23.90
CA ALA B 152 27.12 -33.35 -24.69
C ALA B 152 26.14 -34.45 -24.31
N GLY B 159 22.82 -28.85 -29.55
CA GLY B 159 23.90 -28.23 -28.81
C GLY B 159 23.52 -26.87 -28.24
N GLN B 160 22.89 -26.05 -29.06
CA GLN B 160 22.46 -24.73 -28.63
C GLN B 160 21.28 -24.89 -27.68
N GLY B 161 20.30 -25.67 -28.11
CA GLY B 161 19.12 -25.90 -27.31
C GLY B 161 19.48 -26.38 -25.92
N ARG B 162 20.37 -27.37 -25.86
CA ARG B 162 20.81 -27.93 -24.60
C ARG B 162 21.33 -26.82 -23.70
N CYS B 163 22.15 -25.96 -24.29
CA CYS B 163 22.76 -24.84 -23.60
C CYS B 163 21.72 -23.85 -23.06
N LEU B 164 20.76 -23.48 -23.88
CA LEU B 164 19.72 -22.54 -23.46
C LEU B 164 18.88 -23.14 -22.36
N ALA B 165 18.75 -24.46 -22.40
CA ALA B 165 18.00 -25.22 -21.41
C ALA B 165 18.68 -25.13 -20.06
N LEU B 166 19.94 -25.56 -20.01
CA LEU B 166 20.72 -25.51 -18.78
C LEU B 166 20.69 -24.12 -18.13
N LEU B 167 20.74 -23.08 -18.96
CA LEU B 167 20.73 -21.71 -18.47
C LEU B 167 19.39 -21.35 -17.84
N GLU B 168 18.32 -21.91 -18.41
CA GLU B 168 16.97 -21.67 -17.92
C GLU B 168 16.84 -22.35 -16.55
N LEU B 169 17.29 -23.60 -16.51
CA LEU B 169 17.27 -24.39 -15.30
C LEU B 169 18.07 -23.70 -14.20
N LEU B 170 19.28 -23.25 -14.55
CA LEU B 170 20.15 -22.58 -13.59
C LEU B 170 19.66 -21.19 -13.18
N THR B 171 18.75 -20.62 -13.95
CA THR B 171 18.24 -19.29 -13.65
C THR B 171 17.06 -19.40 -12.68
N VAL B 172 16.18 -20.33 -13.02
CA VAL B 172 14.99 -20.60 -12.25
C VAL B 172 15.32 -21.22 -10.87
N LEU B 173 16.41 -22.00 -10.80
CA LEU B 173 16.82 -22.64 -9.55
C LEU B 173 16.92 -21.64 -8.40
N PRO B 174 17.81 -20.64 -8.51
CA PRO B 174 17.93 -19.67 -7.42
C PRO B 174 16.65 -18.87 -7.18
N GLU B 175 15.74 -18.84 -8.14
CA GLU B 175 14.49 -18.09 -7.94
C GLU B 175 13.56 -18.91 -7.04
N GLU B 176 13.55 -20.22 -7.22
CA GLU B 176 12.72 -21.09 -6.40
C GLU B 176 13.27 -21.21 -4.98
N PHE B 177 14.56 -20.99 -4.84
CA PHE B 177 15.21 -21.05 -3.55
C PHE B 177 14.71 -19.92 -2.65
N GLN B 178 14.31 -18.81 -3.25
CA GLN B 178 13.85 -17.68 -2.46
C GLN B 178 12.41 -17.82 -1.99
N THR B 179 11.67 -18.78 -2.52
CA THR B 179 10.28 -18.93 -2.10
C THR B 179 9.88 -20.29 -1.54
N SER B 180 10.85 -21.21 -1.45
CA SER B 180 10.59 -22.54 -0.94
C SER B 180 10.46 -22.54 0.59
N ARG B 181 9.76 -23.53 1.13
CA ARG B 181 9.58 -23.69 2.56
C ARG B 181 10.27 -24.99 2.96
N LEU B 182 10.66 -25.11 4.24
CA LEU B 182 11.35 -26.29 4.79
C LEU B 182 12.86 -26.11 4.80
N THR B 192 21.16 -24.82 4.40
CA THR B 192 22.46 -24.56 3.79
C THR B 192 22.33 -23.74 2.49
N SER B 193 22.90 -22.53 2.52
CA SER B 193 22.86 -21.61 1.39
C SER B 193 23.21 -22.24 0.05
N LEU B 194 22.55 -21.74 -1.00
CA LEU B 194 22.78 -22.20 -2.36
C LEU B 194 23.89 -21.33 -2.93
N ALA B 195 23.99 -20.13 -2.37
CA ALA B 195 25.00 -19.17 -2.78
C ALA B 195 26.37 -19.82 -2.97
N VAL B 196 26.73 -20.68 -2.03
CA VAL B 196 28.01 -21.37 -2.06
C VAL B 196 28.26 -22.15 -3.35
N GLU B 197 27.18 -22.61 -3.99
CA GLU B 197 27.28 -23.39 -5.22
C GLU B 197 27.41 -22.49 -6.45
N CYS B 198 27.29 -21.19 -6.22
CA CYS B 198 27.38 -20.23 -7.32
C CYS B 198 28.78 -20.24 -7.90
N GLY B 199 29.75 -20.62 -7.08
CA GLY B 199 31.13 -20.66 -7.51
C GLY B 199 31.30 -21.57 -8.72
N ALA B 200 30.32 -22.44 -8.96
CA ALA B 200 30.36 -23.36 -10.10
C ALA B 200 29.59 -22.81 -11.29
N VAL B 201 28.56 -22.03 -11.01
CA VAL B 201 27.75 -21.40 -12.05
C VAL B 201 28.54 -20.31 -12.79
N PHE B 202 29.18 -19.43 -12.02
CA PHE B 202 29.93 -18.31 -12.59
C PHE B 202 30.99 -18.66 -13.61
N PRO B 203 31.89 -19.59 -13.29
CA PRO B 203 32.92 -19.95 -14.27
C PRO B 203 32.31 -20.27 -15.64
N LEU B 204 31.22 -21.02 -15.67
CA LEU B 204 30.59 -21.35 -16.95
C LEU B 204 30.07 -20.11 -17.65
N LEU B 205 29.47 -19.20 -16.89
CA LEU B 205 28.92 -17.97 -17.47
C LEU B 205 30.03 -17.12 -18.09
N GLU B 206 31.11 -16.92 -17.34
CA GLU B 206 32.24 -16.14 -17.84
C GLU B 206 32.71 -16.77 -19.15
N GLN B 207 32.94 -18.08 -19.10
CA GLN B 207 33.40 -18.84 -20.25
C GLN B 207 32.52 -18.63 -21.47
N LEU B 208 31.21 -18.79 -21.30
CA LEU B 208 30.25 -18.65 -22.41
C LEU B 208 30.15 -17.23 -22.94
N LEU B 209 30.21 -16.27 -22.04
CA LEU B 209 30.06 -14.88 -22.43
C LEU B 209 31.30 -14.25 -23.06
N GLN B 210 32.49 -14.66 -22.64
CA GLN B 210 33.69 -14.06 -23.19
C GLN B 210 34.14 -14.71 -24.50
N GLN B 211 33.37 -15.67 -24.98
CA GLN B 211 33.71 -16.38 -26.21
C GLN B 211 32.99 -15.73 -27.40
N PRO B 212 33.70 -15.52 -28.51
CA PRO B 212 33.16 -14.91 -29.74
C PRO B 212 32.02 -15.67 -30.42
N SER B 213 32.17 -16.99 -30.48
CA SER B 213 31.21 -17.85 -31.15
C SER B 213 29.80 -18.01 -30.59
N SER B 214 29.54 -17.49 -29.39
CA SER B 214 28.21 -17.63 -28.78
C SER B 214 27.16 -16.73 -29.41
N PRO B 215 25.93 -17.24 -29.54
CA PRO B 215 24.79 -16.52 -30.12
C PRO B 215 24.31 -15.45 -29.16
N SER B 216 23.48 -14.53 -29.66
CA SER B 216 22.93 -13.48 -28.81
C SER B 216 22.03 -14.11 -27.77
N CYS B 217 21.20 -15.06 -28.20
CA CYS B 217 20.25 -15.72 -27.30
C CYS B 217 20.94 -16.39 -26.12
N VAL B 218 22.10 -16.99 -26.35
CA VAL B 218 22.82 -17.63 -25.25
C VAL B 218 23.31 -16.55 -24.29
N ARG B 219 23.77 -15.45 -24.88
CA ARG B 219 24.29 -14.33 -24.11
C ARG B 219 23.22 -13.68 -23.26
N GLN B 220 22.04 -13.46 -23.83
CA GLN B 220 20.94 -12.86 -23.09
C GLN B 220 20.57 -13.76 -21.94
N LYS B 221 20.55 -15.06 -22.19
CA LYS B 221 20.22 -16.01 -21.15
C LYS B 221 21.34 -16.07 -20.11
N VAL B 222 22.57 -15.79 -20.52
CA VAL B 222 23.70 -15.80 -19.59
C VAL B 222 23.65 -14.56 -18.68
N LEU B 223 23.11 -13.46 -19.19
CA LEU B 223 23.01 -12.24 -18.40
C LEU B 223 21.83 -12.32 -17.42
N LYS B 224 20.83 -13.11 -17.80
CA LYS B 224 19.65 -13.28 -16.96
C LYS B 224 19.94 -14.26 -15.84
N CYS B 225 20.82 -15.20 -16.13
CA CYS B 225 21.21 -16.20 -15.18
C CYS B 225 21.99 -15.49 -14.09
N PHE B 226 22.87 -14.59 -14.53
CA PHE B 226 23.68 -13.83 -13.60
C PHE B 226 22.80 -13.01 -12.63
N SER B 227 21.76 -12.36 -13.13
CA SER B 227 20.87 -11.54 -12.30
C SER B 227 20.17 -12.37 -11.25
N SER B 228 19.79 -13.57 -11.62
CA SER B 228 19.12 -14.45 -10.67
C SER B 228 20.09 -14.80 -9.53
N TRP B 229 21.28 -15.29 -9.87
CA TRP B 229 22.27 -15.67 -8.85
C TRP B 229 22.87 -14.53 -8.02
N VAL B 230 22.79 -13.31 -8.54
CA VAL B 230 23.33 -12.17 -7.80
C VAL B 230 22.37 -11.73 -6.72
N GLN B 231 21.09 -12.06 -6.92
CA GLN B 231 20.02 -11.72 -6.00
C GLN B 231 20.11 -12.49 -4.70
N LEU B 232 21.19 -13.25 -4.53
CA LEU B 232 21.42 -14.02 -3.32
C LEU B 232 22.64 -13.48 -2.56
N GLU B 233 23.12 -14.21 -1.56
CA GLU B 233 24.27 -13.77 -0.79
C GLU B 233 25.63 -14.07 -1.44
N VAL B 234 25.80 -13.63 -2.69
CA VAL B 234 27.04 -13.83 -3.41
C VAL B 234 27.81 -12.52 -3.32
N PRO B 235 29.00 -12.55 -2.73
CA PRO B 235 29.82 -11.35 -2.58
C PRO B 235 30.07 -10.61 -3.90
N LEU B 236 30.07 -9.28 -3.86
CA LEU B 236 30.30 -8.49 -5.06
C LEU B 236 31.67 -8.84 -5.65
N GLN B 237 32.68 -8.85 -4.80
CA GLN B 237 34.04 -9.15 -5.23
C GLN B 237 34.12 -10.32 -6.19
N ASP B 238 33.26 -11.32 -6.00
CA ASP B 238 33.30 -12.48 -6.88
C ASP B 238 32.46 -12.34 -8.15
N CYS B 239 31.85 -11.18 -8.35
CA CYS B 239 31.04 -10.94 -9.53
C CYS B 239 31.71 -10.03 -10.53
N GLU B 240 32.74 -9.33 -10.07
CA GLU B 240 33.49 -8.39 -10.89
C GLU B 240 33.60 -8.75 -12.39
N ALA B 241 34.10 -9.94 -12.70
CA ALA B 241 34.23 -10.34 -14.10
C ALA B 241 32.91 -10.36 -14.91
N LEU B 242 31.81 -10.76 -14.28
CA LEU B 242 30.53 -10.77 -14.99
C LEU B 242 29.99 -9.35 -15.05
N ILE B 243 30.41 -8.51 -14.11
CA ILE B 243 29.96 -7.13 -14.09
C ILE B 243 30.57 -6.41 -15.29
N GLN B 244 31.80 -6.79 -15.58
CA GLN B 244 32.55 -6.21 -16.68
C GLN B 244 32.02 -6.63 -18.03
N ALA B 245 31.55 -7.87 -18.12
CA ALA B 245 31.00 -8.39 -19.36
C ALA B 245 29.65 -7.74 -19.61
N ALA B 246 28.89 -7.55 -18.53
CA ALA B 246 27.57 -6.94 -18.62
C ALA B 246 27.72 -5.53 -19.18
N PHE B 247 28.73 -4.81 -18.70
CA PHE B 247 29.00 -3.46 -19.16
C PHE B 247 29.34 -3.43 -20.64
N ALA B 248 30.19 -4.36 -21.08
CA ALA B 248 30.58 -4.42 -22.49
C ALA B 248 29.37 -4.79 -23.37
N ALA B 249 28.47 -5.58 -22.79
CA ALA B 249 27.28 -6.03 -23.51
C ALA B 249 26.28 -4.91 -23.74
N LEU B 250 26.39 -3.82 -22.97
CA LEU B 250 25.44 -2.71 -23.09
C LEU B 250 25.36 -2.06 -24.48
N GLN B 251 26.47 -2.07 -25.19
CA GLN B 251 26.51 -1.45 -26.50
C GLN B 251 25.82 -2.28 -27.60
N ASP B 252 25.33 -3.46 -27.22
CA ASP B 252 24.64 -4.37 -28.13
C ASP B 252 23.14 -4.21 -27.84
N SER B 253 22.34 -3.84 -28.82
CA SER B 253 20.91 -3.64 -28.61
C SER B 253 20.20 -4.84 -28.03
N GLU B 254 20.61 -6.02 -28.48
CA GLU B 254 20.00 -7.27 -28.05
C GLU B 254 20.17 -7.61 -26.56
N LEU B 255 21.35 -7.31 -26.04
CA LEU B 255 21.68 -7.62 -24.66
C LEU B 255 21.50 -6.45 -23.67
N PHE B 256 21.12 -5.28 -24.18
CA PHE B 256 20.98 -4.12 -23.30
C PHE B 256 20.13 -4.28 -22.05
N ASP B 257 18.86 -4.62 -22.22
CA ASP B 257 17.98 -4.75 -21.07
C ASP B 257 18.45 -5.76 -20.07
N SER B 258 18.97 -6.87 -20.56
CA SER B 258 19.46 -7.92 -19.67
C SER B 258 20.65 -7.44 -18.87
N SER B 259 21.55 -6.69 -19.50
CA SER B 259 22.74 -6.19 -18.79
C SER B 259 22.33 -5.17 -17.76
N VAL B 260 21.49 -4.25 -18.18
CA VAL B 260 21.06 -3.21 -17.26
C VAL B 260 20.50 -3.88 -16.02
N GLU B 261 19.67 -4.91 -16.19
CA GLU B 261 19.11 -5.59 -15.04
C GLU B 261 20.20 -6.25 -14.22
N ALA B 262 21.03 -7.06 -14.88
CA ALA B 262 22.10 -7.73 -14.18
C ALA B 262 22.99 -6.76 -13.40
N ILE B 263 23.23 -5.58 -13.96
CA ILE B 263 24.08 -4.59 -13.30
C ILE B 263 23.41 -3.86 -12.12
N VAL B 264 22.11 -3.59 -12.23
CA VAL B 264 21.43 -2.93 -11.14
C VAL B 264 21.30 -3.89 -9.96
N ASN B 265 21.03 -5.15 -10.25
CA ASN B 265 20.92 -6.12 -9.17
C ASN B 265 22.23 -6.31 -8.43
N ALA B 266 23.34 -6.19 -9.15
CA ALA B 266 24.64 -6.34 -8.51
C ALA B 266 24.87 -5.17 -7.55
N ILE B 267 24.71 -3.97 -8.07
CA ILE B 267 24.91 -2.78 -7.26
C ILE B 267 23.90 -2.59 -6.12
N SER B 268 22.64 -2.97 -6.37
CA SER B 268 21.59 -2.79 -5.37
C SER B 268 21.56 -3.82 -4.26
N GLN B 269 22.53 -4.73 -4.25
CA GLN B 269 22.59 -5.77 -3.22
C GLN B 269 22.80 -5.19 -1.82
N PRO B 270 22.08 -5.72 -0.82
CA PRO B 270 22.18 -5.27 0.57
C PRO B 270 23.60 -5.32 1.13
N ASP B 271 24.36 -6.33 0.71
CA ASP B 271 25.73 -6.53 1.17
C ASP B 271 26.78 -5.74 0.37
N ALA B 272 26.38 -5.22 -0.79
CA ALA B 272 27.28 -4.49 -1.67
C ALA B 272 28.18 -3.40 -1.09
N GLN B 273 27.72 -2.70 -0.05
CA GLN B 273 28.56 -1.64 0.53
C GLN B 273 29.82 -2.21 1.17
N ARG B 274 29.73 -3.44 1.68
CA ARG B 274 30.87 -4.10 2.31
C ARG B 274 32.11 -4.17 1.40
N TYR B 275 31.90 -4.35 0.11
CA TYR B 275 33.01 -4.43 -0.85
C TYR B 275 33.24 -3.09 -1.53
N VAL B 276 33.85 -2.16 -0.80
CA VAL B 276 34.11 -0.82 -1.32
C VAL B 276 35.13 -0.79 -2.47
N ASN B 277 36.13 -1.66 -2.42
CA ASN B 277 37.13 -1.67 -3.47
C ASN B 277 36.54 -1.91 -4.85
N THR B 278 35.56 -2.81 -4.93
CA THR B 278 34.94 -3.10 -6.21
C THR B 278 34.11 -1.87 -6.58
N LEU B 279 33.54 -1.21 -5.59
CA LEU B 279 32.76 -0.02 -5.85
C LEU B 279 33.63 1.00 -6.59
N LEU B 280 34.92 1.01 -6.28
CA LEU B 280 35.81 1.93 -6.95
C LEU B 280 35.95 1.56 -8.42
N LYS B 281 35.98 0.25 -8.70
CA LYS B 281 36.10 -0.21 -10.07
C LYS B 281 34.84 0.05 -10.89
N LEU B 282 33.71 0.20 -10.21
CA LEU B 282 32.43 0.45 -10.90
C LEU B 282 32.23 1.88 -11.38
N ILE B 283 32.88 2.84 -10.73
CA ILE B 283 32.71 4.23 -11.11
C ILE B 283 33.16 4.55 -12.53
N PRO B 284 34.37 4.13 -12.92
CA PRO B 284 34.78 4.44 -14.29
C PRO B 284 33.89 3.74 -15.32
N LEU B 285 33.42 2.54 -15.00
CA LEU B 285 32.55 1.78 -15.91
C LEU B 285 31.24 2.53 -16.18
N VAL B 286 30.63 3.07 -15.13
CA VAL B 286 29.38 3.82 -15.29
C VAL B 286 29.63 5.14 -16.04
N LEU B 287 30.75 5.78 -15.77
CA LEU B 287 31.07 7.03 -16.45
C LEU B 287 31.30 6.76 -17.93
N GLY B 288 31.84 5.60 -18.24
CA GLY B 288 32.08 5.23 -19.63
C GLY B 288 30.83 5.14 -20.48
N LEU B 289 29.66 5.36 -19.88
CA LEU B 289 28.42 5.29 -20.64
C LEU B 289 27.96 6.67 -21.05
N GLN B 290 28.73 7.70 -20.70
CA GLN B 290 28.37 9.07 -21.02
C GLN B 290 28.04 9.28 -22.49
N GLU B 291 28.93 8.83 -23.37
CA GLU B 291 28.73 9.02 -24.80
C GLU B 291 27.50 8.26 -25.28
N GLN B 292 27.29 7.06 -24.75
CA GLN B 292 26.13 6.26 -25.14
C GLN B 292 24.86 6.94 -24.67
N LEU B 293 24.94 7.60 -23.51
CA LEU B 293 23.78 8.31 -22.97
C LEU B 293 23.44 9.51 -23.86
N ARG B 294 24.43 10.37 -24.12
CA ARG B 294 24.25 11.56 -24.95
C ARG B 294 23.65 11.20 -26.30
N GLN B 295 24.32 10.31 -27.01
CA GLN B 295 23.84 9.87 -28.31
C GLN B 295 22.38 9.46 -28.20
N ALA B 296 22.07 8.68 -27.17
CA ALA B 296 20.71 8.19 -26.94
C ALA B 296 19.69 9.31 -26.77
N VAL B 297 20.08 10.38 -26.09
CA VAL B 297 19.16 11.50 -25.88
C VAL B 297 19.00 12.30 -27.18
N GLN B 298 20.09 12.47 -27.91
CA GLN B 298 20.01 13.17 -29.18
C GLN B 298 19.01 12.43 -30.08
N ASN B 299 19.15 11.11 -30.17
CA ASN B 299 18.29 10.26 -31.00
C ASN B 299 16.89 10.00 -30.45
N GLY B 300 16.57 10.55 -29.27
CA GLY B 300 15.26 10.32 -28.70
C GLY B 300 14.99 8.88 -28.30
N ASP B 301 16.07 8.12 -28.09
CA ASP B 301 16.00 6.71 -27.69
C ASP B 301 15.68 6.56 -26.20
N GLU B 303 14.17 4.04 -24.12
CA GLU B 303 14.61 2.84 -23.41
C GLU B 303 16.10 2.84 -23.04
N THR B 304 16.93 3.41 -23.89
CA THR B 304 18.35 3.42 -23.60
C THR B 304 18.73 4.48 -22.57
N SER B 305 18.20 5.69 -22.73
CA SER B 305 18.54 6.74 -21.78
C SER B 305 18.08 6.28 -20.39
N HIS B 306 16.89 5.70 -20.35
CA HIS B 306 16.29 5.20 -19.11
C HIS B 306 17.15 4.10 -18.49
N GLY B 307 17.70 3.23 -19.32
CA GLY B 307 18.54 2.15 -18.82
C GLY B 307 19.82 2.64 -18.15
N ILE B 308 20.52 3.56 -18.79
CA ILE B 308 21.77 4.06 -18.23
C ILE B 308 21.47 4.88 -16.98
N CYS B 309 20.35 5.60 -16.99
CA CYS B 309 20.01 6.39 -15.82
C CYS B 309 19.83 5.47 -14.61
N ARG B 310 19.08 4.39 -14.81
CA ARG B 310 18.87 3.43 -13.73
C ARG B 310 20.21 2.93 -13.20
N ILE B 311 21.14 2.63 -14.10
CA ILE B 311 22.44 2.15 -13.68
C ILE B 311 23.14 3.17 -12.81
N ALA B 312 23.22 4.40 -13.30
CA ALA B 312 23.88 5.51 -12.60
C ALA B 312 23.21 5.81 -11.26
N VAL B 313 21.89 5.80 -11.23
CA VAL B 313 21.16 6.09 -10.02
C VAL B 313 21.33 4.98 -8.99
N ALA B 314 21.58 3.77 -9.46
CA ALA B 314 21.77 2.62 -8.57
C ALA B 314 23.08 2.73 -7.82
N LEU B 315 24.10 3.24 -8.53
CA LEU B 315 25.41 3.38 -7.93
C LEU B 315 25.35 4.48 -6.89
N GLY B 316 24.80 5.62 -7.30
CA GLY B 316 24.70 6.76 -6.41
C GLY B 316 23.78 6.60 -5.21
N GLU B 317 22.51 6.34 -5.46
CA GLU B 317 21.59 6.23 -4.34
C GLU B 317 21.93 5.14 -3.33
N ASN B 318 22.82 4.22 -3.67
CA ASN B 318 23.20 3.17 -2.71
C ASN B 318 24.55 3.41 -2.07
N HIS B 319 25.56 3.68 -2.87
CA HIS B 319 26.90 3.88 -2.34
C HIS B 319 27.45 5.31 -2.35
N SER B 320 26.57 6.30 -2.32
CA SER B 320 27.01 7.70 -2.34
C SER B 320 28.01 8.04 -1.22
N ARG B 321 27.59 7.93 0.04
CA ARG B 321 28.48 8.25 1.14
C ARG B 321 29.78 7.43 1.23
N ALA B 322 29.75 6.17 0.81
CA ALA B 322 30.98 5.41 0.86
C ALA B 322 31.93 6.08 -0.13
N LEU B 323 31.35 6.60 -1.20
CA LEU B 323 32.12 7.27 -2.25
C LEU B 323 32.56 8.67 -1.85
N LEU B 324 31.81 9.28 -0.94
CA LEU B 324 32.14 10.62 -0.46
C LEU B 324 33.27 10.58 0.56
N ASP B 325 33.31 9.52 1.38
CA ASP B 325 34.36 9.36 2.39
C ASP B 325 35.70 9.14 1.69
N GLN B 326 35.66 8.42 0.56
CA GLN B 326 36.88 8.16 -0.21
C GLN B 326 37.22 9.43 -1.00
N VAL B 327 37.54 10.48 -0.23
CA VAL B 327 37.87 11.80 -0.76
C VAL B 327 38.87 11.82 -1.92
N GLU B 328 39.75 10.84 -1.95
CA GLU B 328 40.74 10.75 -3.02
C GLU B 328 40.09 10.50 -4.39
N HIS B 329 38.81 10.14 -4.36
CA HIS B 329 38.04 9.86 -5.58
C HIS B 329 36.93 10.89 -5.83
N TRP B 330 37.05 12.06 -5.20
CA TRP B 330 36.04 13.11 -5.33
C TRP B 330 35.77 13.57 -6.76
N GLN B 331 36.78 13.51 -7.64
CA GLN B 331 36.60 13.95 -9.02
C GLN B 331 35.60 13.07 -9.77
N SER B 332 35.66 11.76 -9.54
CA SER B 332 34.75 10.83 -10.19
C SER B 332 33.33 10.92 -9.66
N PHE B 333 33.18 11.06 -8.35
CA PHE B 333 31.85 11.15 -7.78
C PHE B 333 31.19 12.40 -8.33
N LEU B 334 32.01 13.40 -8.60
CA LEU B 334 31.51 14.65 -9.13
C LEU B 334 30.99 14.40 -10.53
N ALA B 335 31.74 13.64 -11.33
CA ALA B 335 31.34 13.31 -12.70
C ALA B 335 30.04 12.49 -12.74
N LEU B 336 29.86 11.63 -11.73
CA LEU B 336 28.66 10.81 -11.60
C LEU B 336 27.48 11.72 -11.28
N VAL B 337 27.70 12.71 -10.43
CA VAL B 337 26.64 13.65 -10.08
C VAL B 337 26.23 14.40 -11.34
N ASN B 338 27.22 14.80 -12.12
CA ASN B 338 26.93 15.50 -13.34
C ASN B 338 26.08 14.66 -14.24
N ILE B 340 24.02 12.24 -13.52
CA ILE B 340 22.64 12.13 -13.04
C ILE B 340 21.92 13.47 -13.20
N PHE B 342 22.40 15.30 -15.69
CA PHE B 342 22.09 15.25 -17.12
C PHE B 342 20.77 14.55 -17.40
N CYS B 343 20.50 13.49 -16.65
CA CYS B 343 19.26 12.76 -16.82
C CYS B 343 18.06 13.52 -16.24
N THR B 344 18.29 14.29 -15.19
CA THR B 344 17.23 15.09 -14.57
C THR B 344 16.78 16.18 -15.53
N GLY B 345 17.74 16.78 -16.22
CA GLY B 345 17.42 17.86 -17.13
C GLY B 345 17.20 17.53 -18.59
N ILE B 346 16.86 16.28 -18.87
CA ILE B 346 16.62 15.90 -20.25
C ILE B 346 15.54 16.78 -20.89
N PRO B 347 15.75 17.17 -22.14
CA PRO B 347 14.77 18.03 -22.82
C PRO B 347 13.39 17.38 -22.97
N GLY B 348 12.34 18.21 -22.89
CA GLY B 348 10.97 17.70 -23.02
C GLY B 348 10.25 17.67 -21.68
N HIS B 349 9.11 16.98 -21.63
CA HIS B 349 8.34 16.82 -20.40
C HIS B 349 8.38 15.37 -19.93
N TYR B 350 8.40 15.17 -18.60
CA TYR B 350 8.50 13.84 -17.98
C TYR B 350 7.65 12.73 -18.55
N PRO B 351 6.33 12.82 -18.35
CA PRO B 351 5.49 11.74 -18.88
C PRO B 351 5.60 11.48 -20.37
N VAL B 352 5.32 12.50 -21.17
CA VAL B 352 5.28 12.34 -22.61
C VAL B 352 6.53 12.24 -23.47
N ASN B 353 7.67 12.71 -22.99
CA ASN B 353 8.88 12.63 -23.80
C ASN B 353 10.08 11.96 -23.11
N GLU B 354 10.16 12.13 -21.78
CA GLU B 354 11.31 11.65 -21.01
C GLU B 354 11.08 10.82 -19.73
N THR B 355 10.93 9.51 -19.84
CA THR B 355 10.80 8.71 -18.62
C THR B 355 12.04 8.78 -17.70
N THR B 356 13.20 9.06 -18.28
CA THR B 356 14.45 9.10 -17.54
C THR B 356 14.56 10.04 -16.33
N SER B 357 14.03 11.25 -16.44
CA SER B 357 14.18 12.20 -15.34
C SER B 357 13.63 11.84 -13.97
N SER B 358 12.50 11.15 -13.95
CA SER B 358 11.85 10.76 -12.73
C SER B 358 12.68 9.84 -11.81
N LEU B 359 13.47 8.95 -12.39
CA LEU B 359 14.31 8.04 -11.64
C LEU B 359 15.50 8.69 -10.93
N THR B 360 15.72 9.96 -11.17
CA THR B 360 16.85 10.66 -10.58
C THR B 360 16.50 11.32 -9.24
N LEU B 361 15.22 11.41 -8.92
CA LEU B 361 14.83 12.06 -7.67
C LEU B 361 15.27 11.41 -6.37
N THR B 362 15.14 10.09 -6.25
CA THR B 362 15.53 9.43 -5.00
C THR B 362 17.01 9.67 -4.72
N PHE B 363 17.76 9.95 -5.77
CA PHE B 363 19.18 10.19 -5.58
C PHE B 363 19.47 11.56 -5.01
N TRP B 364 18.87 12.57 -5.61
CA TRP B 364 19.07 13.94 -5.15
C TRP B 364 18.82 14.08 -3.68
N TYR B 365 17.91 13.25 -3.20
CA TYR B 365 17.57 13.31 -1.80
C TYR B 365 18.63 12.62 -0.94
N THR B 366 19.11 11.44 -1.36
CA THR B 366 20.10 10.78 -0.53
C THR B 366 21.38 11.61 -0.46
N LEU B 367 21.71 12.34 -1.52
CA LEU B 367 22.91 13.17 -1.50
C LEU B 367 22.75 14.28 -0.46
N GLN B 368 21.55 14.81 -0.34
CA GLN B 368 21.28 15.85 0.63
C GLN B 368 21.43 15.29 2.05
N ASP B 369 20.88 14.10 2.28
CA ASP B 369 20.95 13.47 3.59
C ASP B 369 22.38 13.20 3.94
N ASP B 370 23.16 12.79 2.95
CA ASP B 370 24.58 12.51 3.19
C ASP B 370 25.35 13.78 3.53
N ILE B 371 25.21 14.83 2.73
CA ILE B 371 25.93 16.05 3.00
C ILE B 371 25.64 16.59 4.40
N LEU B 372 24.39 16.55 4.82
CA LEU B 372 24.06 17.06 6.15
C LEU B 372 24.49 16.10 7.28
N SER B 373 24.96 14.92 6.89
CA SER B 373 25.35 13.90 7.87
C SER B 373 26.73 13.97 8.52
N PHE B 374 27.61 14.87 8.10
CA PHE B 374 28.93 14.91 8.74
C PHE B 374 29.33 16.24 9.38
N GLU B 375 30.31 16.17 10.28
CA GLU B 375 30.81 17.33 11.03
C GLU B 375 31.21 18.43 10.08
N ALA B 376 30.92 19.69 10.41
CA ALA B 376 31.27 20.82 9.53
C ALA B 376 32.60 20.85 8.71
N GLU B 377 33.68 20.26 9.21
CA GLU B 377 34.95 20.31 8.49
C GLU B 377 34.78 19.61 7.13
N LYS B 378 34.00 18.54 7.15
CA LYS B 378 33.71 17.77 5.94
C LYS B 378 32.42 18.32 5.34
N GLN B 379 31.43 18.62 6.18
CA GLN B 379 30.17 19.14 5.71
C GLN B 379 30.31 20.43 4.90
N ALA B 380 31.11 21.36 5.41
CA ALA B 380 31.29 22.64 4.73
C ALA B 380 32.02 22.52 3.40
N VAL B 381 33.01 21.64 3.32
CA VAL B 381 33.75 21.44 2.08
C VAL B 381 32.78 21.03 0.96
N TYR B 382 31.98 20.00 1.25
CA TYR B 382 31.01 19.46 0.32
C TYR B 382 29.82 20.39 0.09
N GLN B 383 29.46 21.14 1.12
CA GLN B 383 28.35 22.07 1.00
C GLN B 383 28.82 23.20 0.07
N GLN B 384 30.13 23.43 0.08
CA GLN B 384 30.73 24.45 -0.78
C GLN B 384 30.72 23.92 -2.19
N VAL B 385 31.19 22.69 -2.35
CA VAL B 385 31.24 22.04 -3.65
C VAL B 385 29.85 21.82 -4.26
N TYR B 386 28.92 21.30 -3.47
CA TYR B 386 27.60 21.01 -4.00
C TYR B 386 26.44 21.99 -3.86
N ARG B 387 26.66 23.18 -3.32
CA ARG B 387 25.57 24.15 -3.22
C ARG B 387 25.16 24.66 -4.59
N PRO B 388 26.14 24.93 -5.46
CA PRO B 388 25.79 25.43 -6.79
C PRO B 388 25.09 24.34 -7.63
N VAL B 389 25.35 23.08 -7.32
CA VAL B 389 24.73 21.97 -8.03
C VAL B 389 23.26 21.90 -7.66
N TYR B 390 22.96 22.13 -6.39
CA TYR B 390 21.57 22.11 -5.95
C TYR B 390 20.79 23.33 -6.43
N PHE B 391 21.51 24.41 -6.74
CA PHE B 391 20.85 25.62 -7.25
C PHE B 391 20.51 25.35 -8.70
N GLN B 392 21.36 24.56 -9.37
CA GLN B 392 21.12 24.24 -10.76
C GLN B 392 19.92 23.30 -10.78
N LEU B 393 19.95 22.32 -9.88
CA LEU B 393 18.86 21.34 -9.79
C LEU B 393 17.53 22.04 -9.57
N VAL B 394 17.51 23.06 -8.72
CA VAL B 394 16.28 23.77 -8.49
C VAL B 394 15.82 24.42 -9.80
N ASP B 395 16.75 25.03 -10.55
CA ASP B 395 16.43 25.67 -11.83
C ASP B 395 15.93 24.61 -12.81
N VAL B 396 16.62 23.47 -12.85
CA VAL B 396 16.22 22.39 -13.73
C VAL B 396 14.83 21.89 -13.35
N LEU B 397 14.65 21.55 -12.08
CA LEU B 397 13.37 21.04 -11.58
C LEU B 397 12.19 21.97 -11.84
N LEU B 398 12.40 23.26 -11.69
CA LEU B 398 11.34 24.23 -11.93
C LEU B 398 10.94 24.28 -13.40
N HIS B 399 11.91 24.08 -14.28
CA HIS B 399 11.61 24.09 -15.70
C HIS B 399 10.84 22.81 -16.09
N LYS B 400 11.22 21.68 -15.50
CA LYS B 400 10.57 20.40 -15.80
C LYS B 400 9.15 20.30 -15.25
N ALA B 401 8.86 21.08 -14.22
CA ALA B 401 7.55 21.02 -13.60
C ALA B 401 6.61 22.01 -14.26
N GLN B 402 7.17 22.88 -15.08
CA GLN B 402 6.38 23.88 -15.79
C GLN B 402 5.42 23.22 -16.78
N PHE B 403 4.17 23.67 -16.78
CA PHE B 403 3.20 23.11 -17.71
C PHE B 403 3.55 23.52 -19.15
N PRO B 404 3.05 22.75 -20.13
CA PRO B 404 3.30 23.01 -21.55
C PRO B 404 2.36 24.10 -21.99
N SER B 405 2.39 24.41 -23.29
CA SER B 405 1.51 25.44 -23.82
C SER B 405 0.07 24.90 -23.80
N ASP B 406 -0.91 25.77 -23.65
CA ASP B 406 -2.29 25.32 -23.61
C ASP B 406 -2.64 24.36 -24.74
N GLU B 407 -2.12 24.61 -25.95
CA GLU B 407 -2.46 23.73 -27.06
C GLU B 407 -1.89 22.35 -26.86
N GLU B 408 -0.60 22.30 -26.50
CA GLU B 408 0.16 21.08 -26.24
C GLU B 408 -0.54 20.22 -25.16
N TYR B 409 -0.81 20.86 -24.02
CA TYR B 409 -1.46 20.19 -22.91
C TYR B 409 -2.84 19.64 -23.29
N GLY B 410 -3.51 20.27 -24.25
CA GLY B 410 -4.83 19.80 -24.63
C GLY B 410 -4.86 18.41 -25.26
N PHE B 411 -3.73 17.99 -25.83
CA PHE B 411 -3.65 16.69 -26.48
C PHE B 411 -2.99 15.58 -25.63
N TRP B 412 -2.64 15.94 -24.40
CA TRP B 412 -2.05 14.99 -23.47
C TRP B 412 -3.19 14.09 -23.05
N SER B 413 -2.90 12.80 -22.91
CA SER B 413 -3.92 11.83 -22.52
C SER B 413 -4.22 11.98 -21.05
N SER B 414 -5.36 11.43 -20.64
CA SER B 414 -5.80 11.47 -19.25
C SER B 414 -4.78 10.84 -18.30
N ASP B 415 -4.21 9.70 -18.70
CA ASP B 415 -3.22 9.05 -17.86
C ASP B 415 -1.97 9.92 -17.78
N GLU B 416 -1.61 10.54 -18.90
CA GLU B 416 -0.41 11.39 -18.95
C GLU B 416 -0.48 12.58 -18.01
N LYS B 417 -1.64 13.25 -17.99
CA LYS B 417 -1.79 14.38 -17.10
C LYS B 417 -1.69 13.90 -15.64
N GLU B 418 -2.31 12.75 -15.37
CA GLU B 418 -2.28 12.16 -14.03
C GLU B 418 -0.85 11.88 -13.63
N GLN B 419 -0.09 11.27 -14.53
CA GLN B 419 1.30 11.00 -14.24
C GLN B 419 2.07 12.29 -13.99
N PHE B 420 1.72 13.33 -14.72
CA PHE B 420 2.40 14.60 -14.54
C PHE B 420 2.09 15.18 -13.17
N ARG B 421 0.83 15.06 -12.74
CA ARG B 421 0.44 15.54 -11.41
C ARG B 421 1.28 14.86 -10.32
N ILE B 422 1.33 13.53 -10.33
CA ILE B 422 2.12 12.77 -9.36
C ILE B 422 3.58 13.20 -9.41
N TYR B 423 4.07 13.45 -10.60
CA TYR B 423 5.47 13.84 -10.78
C TYR B 423 5.73 15.19 -10.12
N ARG B 424 4.71 16.05 -10.07
CA ARG B 424 4.86 17.36 -9.45
C ARG B 424 4.88 17.19 -7.95
N VAL B 425 4.08 16.24 -7.47
CA VAL B 425 4.02 15.93 -6.04
C VAL B 425 5.40 15.43 -5.63
N ASP B 426 5.99 14.55 -6.44
CA ASP B 426 7.32 14.04 -6.14
C ASP B 426 8.38 15.16 -6.14
N ILE B 427 8.35 16.01 -7.15
CA ILE B 427 9.31 17.13 -7.27
C ILE B 427 9.12 18.08 -6.09
N SER B 428 7.86 18.30 -5.73
CA SER B 428 7.54 19.15 -4.60
C SER B 428 8.21 18.63 -3.34
N ASP B 429 8.11 17.33 -3.12
CA ASP B 429 8.71 16.70 -1.95
C ASP B 429 10.22 16.84 -1.98
N THR B 430 10.83 16.70 -3.15
CA THR B 430 12.28 16.84 -3.22
C THR B 430 12.68 18.30 -3.11
N LEU B 431 11.84 19.19 -3.61
CA LEU B 431 12.09 20.64 -3.57
C LEU B 431 12.10 21.14 -2.13
N TYR B 433 12.85 19.31 0.57
CA TYR B 433 14.06 18.87 1.21
C TYR B 433 15.28 19.69 0.73
N VAL B 434 15.24 20.21 -0.48
CA VAL B 434 16.36 21.02 -0.95
C VAL B 434 16.41 22.31 -0.14
N TYR B 435 15.23 22.86 0.16
CA TYR B 435 15.13 24.10 0.94
C TYR B 435 15.86 23.93 2.27
N GLU B 436 15.82 22.72 2.82
CA GLU B 436 16.49 22.42 4.08
C GLU B 436 17.95 22.81 3.95
N LEU B 438 19.49 24.62 1.18
CA LEU B 438 19.77 25.96 0.64
C LEU B 438 19.22 27.07 1.53
N GLY B 439 18.00 26.86 2.01
CA GLY B 439 17.34 27.81 2.89
C GLY B 439 17.14 29.22 2.38
N ALA B 440 17.65 30.18 3.13
CA ALA B 440 17.55 31.61 2.86
C ALA B 440 17.68 32.08 1.40
N GLU B 441 18.81 31.81 0.76
CA GLU B 441 19.00 32.24 -0.61
C GLU B 441 17.94 31.72 -1.58
N LEU B 442 17.45 30.51 -1.34
CA LEU B 442 16.45 29.94 -2.22
C LEU B 442 15.22 30.85 -2.27
N LEU B 443 14.73 31.25 -1.11
CA LEU B 443 13.55 32.11 -1.04
C LEU B 443 13.79 33.48 -1.67
N SER B 444 15.01 33.99 -1.53
CA SER B 444 15.34 35.29 -2.11
C SER B 444 15.35 35.17 -3.62
N ASN B 445 16.09 34.17 -4.11
CA ASN B 445 16.19 33.95 -5.54
C ASN B 445 14.79 33.80 -6.16
N LEU B 446 13.95 32.96 -5.56
CA LEU B 446 12.60 32.74 -6.06
C LEU B 446 11.76 34.02 -6.04
N TYR B 447 11.84 34.75 -4.93
CA TYR B 447 11.09 35.99 -4.79
C TYR B 447 11.50 37.01 -5.86
N ASP B 448 12.79 37.06 -6.15
CA ASP B 448 13.30 38.00 -7.13
C ASP B 448 12.75 37.66 -8.51
N LYS B 449 12.95 36.42 -8.95
CA LYS B 449 12.46 35.99 -10.27
C LYS B 449 10.96 36.26 -10.44
N LEU B 450 10.18 35.92 -9.43
CA LEU B 450 8.74 36.13 -9.49
C LEU B 450 8.41 37.61 -9.59
N GLY B 451 9.03 38.41 -8.73
CA GLY B 451 8.75 39.84 -8.76
C GLY B 451 9.27 40.49 -10.02
N ARG B 452 10.41 40.02 -10.49
CA ARG B 452 11.03 40.55 -11.69
C ARG B 452 10.16 40.25 -12.90
N LEU B 453 9.57 39.05 -12.88
CA LEU B 453 8.73 38.58 -13.97
C LEU B 453 7.36 39.27 -14.03
N LEU B 454 6.87 39.70 -12.87
CA LEU B 454 5.56 40.34 -12.78
C LEU B 454 5.53 41.87 -12.92
N THR B 455 6.54 42.55 -12.38
CA THR B 455 6.55 44.01 -12.40
C THR B 455 7.63 44.72 -13.20
N SER B 456 8.73 44.02 -13.53
CA SER B 456 9.82 44.68 -14.23
C SER B 456 9.99 44.46 -15.73
N SER B 457 9.83 43.22 -16.18
CA SER B 457 10.04 42.91 -17.59
C SER B 457 8.81 42.41 -18.35
N GLU B 458 8.37 43.21 -19.32
CA GLU B 458 7.24 42.82 -20.15
C GLU B 458 7.76 41.87 -21.25
N GLU B 459 7.57 40.56 -21.03
CA GLU B 459 8.00 39.54 -21.99
C GLU B 459 6.76 38.80 -22.46
N PRO B 460 6.91 37.92 -23.46
CA PRO B 460 5.75 37.16 -23.96
C PRO B 460 5.10 36.56 -22.72
N TYR B 461 3.83 36.90 -22.51
CA TYR B 461 3.09 36.41 -21.35
C TYR B 461 3.05 34.88 -21.28
N SER B 462 3.55 34.33 -20.18
CA SER B 462 3.51 32.89 -20.00
C SER B 462 3.08 32.70 -18.58
N TRP B 463 1.79 32.40 -18.38
CA TRP B 463 1.27 32.16 -17.04
C TRP B 463 2.00 30.91 -16.54
N GLN B 464 2.50 30.12 -17.49
CA GLN B 464 3.23 28.92 -17.15
C GLN B 464 4.48 29.24 -16.33
N HIS B 465 5.28 30.22 -16.76
CA HIS B 465 6.49 30.54 -16.02
C HIS B 465 6.16 31.15 -14.66
N THR B 466 5.01 31.84 -14.60
CA THR B 466 4.60 32.45 -13.34
C THR B 466 4.12 31.35 -12.40
N GLU B 467 3.37 30.39 -12.92
CA GLU B 467 2.85 29.30 -12.12
C GLU B 467 3.96 28.40 -11.59
N ALA B 468 5.02 28.22 -12.37
CA ALA B 468 6.11 27.38 -11.93
C ALA B 468 6.77 28.02 -10.74
N LEU B 469 7.05 29.31 -10.83
CA LEU B 469 7.68 29.98 -9.71
C LEU B 469 6.81 29.94 -8.47
N LEU B 470 5.51 30.21 -8.63
CA LEU B 470 4.60 30.21 -7.50
C LEU B 470 4.53 28.78 -6.91
N TYR B 471 4.51 27.79 -7.79
CA TYR B 471 4.46 26.39 -7.38
C TYR B 471 5.70 26.08 -6.54
N GLY B 472 6.85 26.63 -6.93
CA GLY B 472 8.05 26.41 -6.14
C GLY B 472 7.79 26.93 -4.73
N PHE B 473 7.26 28.14 -4.64
CA PHE B 473 6.95 28.72 -3.35
C PHE B 473 5.97 27.90 -2.54
N GLN B 474 4.93 27.41 -3.22
CA GLN B 474 3.92 26.60 -2.55
C GLN B 474 4.47 25.33 -1.90
N SER B 475 5.40 24.67 -2.59
CA SER B 475 6.00 23.43 -2.09
C SER B 475 6.82 23.60 -0.82
N ILE B 476 7.30 24.81 -0.59
CA ILE B 476 8.15 25.13 0.55
C ILE B 476 7.47 25.97 1.64
N ALA B 477 6.38 26.64 1.28
CA ALA B 477 5.65 27.51 2.20
C ALA B 477 5.27 26.98 3.59
N GLU B 478 5.24 25.67 3.79
CA GLU B 478 4.89 25.17 5.11
C GLU B 478 6.12 25.03 5.99
N THR B 479 7.25 24.79 5.35
CA THR B 479 8.50 24.59 6.04
C THR B 479 9.40 25.80 6.15
N ILE B 480 8.82 26.98 6.33
CA ILE B 480 9.64 28.20 6.45
C ILE B 480 9.93 28.46 7.91
N ASP B 481 11.18 28.38 8.30
CA ASP B 481 11.51 28.63 9.68
C ASP B 481 10.92 29.99 10.09
N VAL B 482 10.50 30.10 11.34
CA VAL B 482 9.90 31.35 11.79
C VAL B 482 10.94 32.44 12.01
N ASN B 483 12.16 32.21 11.56
CA ASN B 483 13.24 33.19 11.72
C ASN B 483 13.22 34.20 10.57
N TYR B 484 13.50 33.72 9.36
CA TYR B 484 13.54 34.59 8.19
C TYR B 484 12.22 34.55 7.46
N SER B 485 11.76 35.72 7.07
CA SER B 485 10.51 35.82 6.36
C SER B 485 10.55 37.04 5.44
N ASP B 486 11.72 37.67 5.32
CA ASP B 486 11.82 38.85 4.44
C ASP B 486 11.11 38.55 3.12
N VAL B 487 11.17 37.29 2.71
CA VAL B 487 10.51 36.85 1.49
C VAL B 487 8.99 36.74 1.67
N VAL B 488 8.48 36.11 2.73
CA VAL B 488 7.02 35.96 2.90
C VAL B 488 6.22 37.23 2.63
N PRO B 489 6.45 38.30 3.43
CA PRO B 489 5.72 39.56 3.23
C PRO B 489 5.76 40.02 1.79
N GLY B 490 6.95 39.99 1.20
CA GLY B 490 7.06 40.43 -0.18
C GLY B 490 6.17 39.61 -1.09
N LEU B 491 6.22 38.29 -0.95
CA LEU B 491 5.44 37.40 -1.76
C LEU B 491 3.96 37.65 -1.55
N ILE B 492 3.55 37.73 -0.28
CA ILE B 492 2.14 37.98 0.06
C ILE B 492 1.63 39.25 -0.61
N GLY B 493 2.55 40.19 -0.84
CA GLY B 493 2.16 41.44 -1.49
C GLY B 493 2.02 41.30 -2.99
N LEU B 494 2.84 40.43 -3.59
CA LEU B 494 2.80 40.19 -5.03
C LEU B 494 1.60 39.38 -5.51
N ILE B 495 1.00 38.62 -4.60
CA ILE B 495 -0.14 37.77 -4.95
C ILE B 495 -1.33 38.47 -5.58
N PRO B 496 -1.75 39.61 -5.01
CA PRO B 496 -2.90 40.26 -5.64
C PRO B 496 -2.54 40.88 -6.99
N ARG B 497 -1.24 41.04 -7.25
CA ARG B 497 -0.78 41.63 -8.50
C ARG B 497 -0.74 40.63 -9.65
N ILE B 498 -0.99 39.37 -9.35
CA ILE B 498 -0.96 38.32 -10.38
C ILE B 498 -2.28 38.22 -11.15
N SER B 499 -2.16 37.92 -12.44
CA SER B 499 -3.33 37.77 -13.32
C SER B 499 -3.88 36.36 -13.11
N ILE B 500 -5.20 36.25 -12.96
CA ILE B 500 -5.82 34.96 -12.74
C ILE B 500 -6.68 34.57 -13.94
N SER B 501 -6.06 34.54 -15.10
CA SER B 501 -6.75 34.21 -16.34
C SER B 501 -6.68 32.73 -16.65
N ASN B 502 -6.15 31.94 -15.72
CA ASN B 502 -6.01 30.50 -15.94
C ASN B 502 -6.36 29.73 -14.68
N VAL B 503 -7.14 28.66 -14.83
CA VAL B 503 -7.55 27.86 -13.67
C VAL B 503 -6.32 27.39 -12.89
N GLN B 504 -5.36 26.83 -13.60
CA GLN B 504 -4.14 26.34 -12.96
C GLN B 504 -3.47 27.40 -12.12
N LEU B 505 -3.34 28.61 -12.66
CA LEU B 505 -2.69 29.69 -11.93
C LEU B 505 -3.52 30.06 -10.70
N ALA B 506 -4.84 30.09 -10.85
CA ALA B 506 -5.72 30.41 -9.75
C ALA B 506 -5.59 29.34 -8.65
N ASP B 507 -5.51 28.06 -9.06
CA ASP B 507 -5.36 26.96 -8.12
C ASP B 507 -4.02 27.07 -7.38
N THR B 508 -2.95 27.39 -8.11
CA THR B 508 -1.65 27.48 -7.48
C THR B 508 -1.60 28.67 -6.52
N VAL B 509 -2.25 29.77 -6.89
CA VAL B 509 -2.28 30.93 -6.02
C VAL B 509 -2.94 30.49 -4.73
N PHE B 511 -3.41 27.55 -3.41
CA PHE B 511 -2.65 26.58 -2.65
C PHE B 511 -1.48 27.21 -1.93
N THR B 512 -0.89 28.21 -2.54
CA THR B 512 0.25 28.89 -1.92
C THR B 512 -0.24 29.61 -0.68
N ILE B 513 -1.42 30.23 -0.78
CA ILE B 513 -2.01 30.95 0.32
C ILE B 513 -2.24 30.03 1.52
N GLY B 514 -2.88 28.89 1.27
CA GLY B 514 -3.15 27.96 2.36
C GLY B 514 -1.88 27.39 2.97
N ALA B 515 -0.80 27.39 2.19
CA ALA B 515 0.46 26.85 2.66
C ALA B 515 1.11 27.81 3.64
N LEU B 516 0.67 29.07 3.60
CA LEU B 516 1.19 30.09 4.49
C LEU B 516 0.19 30.30 5.62
N SER B 517 -0.65 29.29 5.83
CA SER B 517 -1.69 29.30 6.86
C SER B 517 -1.15 29.64 8.27
N GLU B 518 -0.08 28.96 8.67
CA GLU B 518 0.54 29.17 9.98
C GLU B 518 1.20 30.55 10.05
N TRP B 519 1.90 30.89 8.99
CA TRP B 519 2.58 32.18 8.94
C TRP B 519 1.62 33.35 9.14
N LEU B 520 0.41 33.25 8.61
CA LEU B 520 -0.55 34.33 8.76
C LEU B 520 -1.03 34.51 10.19
N ALA B 521 -1.26 33.39 10.88
CA ALA B 521 -1.72 33.44 12.26
C ALA B 521 -0.84 34.40 13.08
N ASP B 522 0.45 34.42 12.77
CA ASP B 522 1.41 35.26 13.46
C ASP B 522 1.42 36.70 12.94
N HIS B 523 0.88 36.90 11.74
CA HIS B 523 0.84 38.23 11.14
C HIS B 523 -0.57 38.59 10.67
N PRO B 524 -1.52 38.71 11.60
CA PRO B 524 -2.91 39.05 11.28
C PRO B 524 -3.10 40.24 10.36
N VAL B 525 -2.14 41.16 10.39
CA VAL B 525 -2.22 42.35 9.55
C VAL B 525 -2.20 42.02 8.05
N ILE B 527 -3.63 39.20 6.71
CA ILE B 527 -4.85 38.48 6.37
C ILE B 527 -5.71 39.24 5.38
N ASN B 528 -5.83 40.54 5.56
CA ASN B 528 -6.65 41.35 4.68
C ASN B 528 -6.17 41.35 3.22
N SER B 529 -4.87 41.14 3.03
CA SER B 529 -4.29 41.13 1.68
C SER B 529 -4.55 39.84 0.91
N VAL B 530 -5.11 38.85 1.58
CA VAL B 530 -5.36 37.55 0.96
C VAL B 530 -6.80 37.05 1.09
N LEU B 531 -7.39 37.24 2.26
CA LEU B 531 -8.75 36.77 2.50
C LEU B 531 -9.73 37.15 1.41
N PRO B 532 -9.68 38.40 0.92
CA PRO B 532 -10.64 38.74 -0.15
C PRO B 532 -10.44 37.85 -1.39
N LEU B 533 -9.18 37.69 -1.81
CA LEU B 533 -8.87 36.86 -2.98
C LEU B 533 -9.44 35.44 -2.82
N VAL B 534 -9.22 34.85 -1.65
CA VAL B 534 -9.70 33.52 -1.34
C VAL B 534 -11.23 33.45 -1.34
N LEU B 535 -11.85 34.47 -0.75
CA LEU B 535 -13.30 34.49 -0.68
C LEU B 535 -13.88 34.60 -2.08
N HIS B 536 -13.21 35.35 -2.95
CA HIS B 536 -13.69 35.55 -4.32
C HIS B 536 -13.72 34.21 -5.04
N ALA B 537 -12.59 33.51 -4.95
CA ALA B 537 -12.43 32.21 -5.59
C ALA B 537 -13.40 31.15 -5.09
N LEU B 538 -14.10 31.45 -4.00
CA LEU B 538 -15.04 30.50 -3.43
C LEU B 538 -16.26 30.29 -4.34
N GLY B 539 -16.63 31.31 -5.12
CA GLY B 539 -17.78 31.20 -6.00
C GLY B 539 -17.49 30.48 -7.30
N ASN B 540 -16.23 30.50 -7.73
CA ASN B 540 -15.82 29.83 -8.97
C ASN B 540 -15.86 28.32 -8.77
N PRO B 541 -16.82 27.63 -9.40
CA PRO B 541 -16.96 26.17 -9.28
C PRO B 541 -15.73 25.34 -9.66
N GLU B 542 -14.89 25.86 -10.55
CA GLU B 542 -13.72 25.11 -10.96
C GLU B 542 -12.55 25.15 -9.99
N LEU B 543 -12.65 25.98 -8.95
CA LEU B 543 -11.54 26.10 -7.99
C LEU B 543 -11.95 25.63 -6.61
N SER B 544 -13.09 24.95 -6.55
CA SER B 544 -13.67 24.47 -5.31
C SER B 544 -12.67 23.83 -4.35
N VAL B 545 -12.10 22.70 -4.72
CA VAL B 545 -11.14 22.01 -3.85
C VAL B 545 -10.07 22.93 -3.27
N SER B 546 -9.36 23.66 -4.11
CA SER B 546 -8.32 24.56 -3.63
C SER B 546 -8.90 25.68 -2.75
N SER B 547 -9.95 26.35 -3.24
CA SER B 547 -10.55 27.47 -2.51
C SER B 547 -11.01 27.07 -1.12
N VAL B 548 -11.88 26.08 -1.08
CA VAL B 548 -12.42 25.61 0.18
C VAL B 548 -11.36 25.09 1.14
N SER B 549 -10.38 24.33 0.64
CA SER B 549 -9.34 23.77 1.51
C SER B 549 -8.47 24.86 2.09
N THR B 550 -8.39 25.99 1.40
CA THR B 550 -7.57 27.10 1.88
C THR B 550 -8.36 27.91 2.92
N LEU B 551 -9.66 28.10 2.67
CA LEU B 551 -10.49 28.81 3.63
C LEU B 551 -10.31 28.08 4.97
N LYS B 552 -10.65 26.79 4.98
CA LYS B 552 -10.53 25.93 6.16
C LYS B 552 -9.17 26.05 6.84
N LYS B 553 -8.08 26.02 6.05
CA LYS B 553 -6.76 26.15 6.65
C LYS B 553 -6.63 27.48 7.36
N ILE B 554 -7.01 28.56 6.69
CA ILE B 554 -6.91 29.89 7.30
C ILE B 554 -7.76 30.02 8.56
N CYS B 555 -8.97 29.48 8.54
CA CYS B 555 -9.84 29.53 9.70
C CYS B 555 -9.22 28.76 10.88
N ARG B 556 -8.67 27.59 10.58
CA ARG B 556 -8.05 26.78 11.62
C ARG B 556 -6.83 27.49 12.20
N GLU B 557 -6.00 28.07 11.35
CA GLU B 557 -4.80 28.74 11.81
C GLU B 557 -4.98 30.09 12.50
N CYS B 558 -5.96 30.89 12.10
CA CYS B 558 -6.15 32.19 12.74
C CYS B 558 -7.56 32.37 13.29
N LYS B 559 -7.95 31.51 14.24
CA LYS B 559 -9.27 31.58 14.85
C LYS B 559 -9.51 32.92 15.54
N TYR B 560 -8.51 33.35 16.29
CA TYR B 560 -8.57 34.57 17.10
C TYR B 560 -8.48 35.93 16.46
N ASP B 561 -8.11 35.98 15.18
CA ASP B 561 -8.01 37.27 14.51
C ASP B 561 -9.01 37.38 13.38
N LEU B 562 -9.92 36.42 13.28
CA LEU B 562 -10.92 36.44 12.22
C LEU B 562 -12.29 36.99 12.70
N PRO B 563 -12.45 37.22 14.01
CA PRO B 563 -13.74 37.74 14.46
C PRO B 563 -14.30 38.89 13.66
N PRO B 564 -13.44 39.84 13.21
CA PRO B 564 -13.94 40.98 12.44
C PRO B 564 -14.27 40.69 11.00
N TYR B 565 -14.06 39.45 10.55
CA TYR B 565 -14.37 39.07 9.19
C TYR B 565 -15.45 37.99 9.18
N ALA B 566 -15.68 37.41 10.34
CA ALA B 566 -16.65 36.32 10.50
C ALA B 566 -17.97 36.44 9.73
N ALA B 567 -18.69 37.54 9.91
CA ALA B 567 -19.98 37.73 9.23
C ALA B 567 -19.86 37.75 7.71
N ASN B 568 -18.83 38.44 7.22
CA ASN B 568 -18.63 38.51 5.78
C ASN B 568 -18.34 37.10 5.25
N ILE B 569 -17.51 36.36 5.97
CA ILE B 569 -17.18 34.99 5.56
C ILE B 569 -18.43 34.12 5.59
N VAL B 570 -19.23 34.25 6.65
CA VAL B 570 -20.48 33.50 6.78
C VAL B 570 -21.40 33.86 5.61
N ALA B 571 -21.43 35.14 5.26
CA ALA B 571 -22.27 35.62 4.18
C ALA B 571 -21.89 34.95 2.84
N VAL B 572 -20.60 35.00 2.51
CA VAL B 572 -20.09 34.43 1.26
C VAL B 572 -20.31 32.93 1.21
N SER B 573 -20.02 32.26 2.32
CA SER B 573 -20.19 30.82 2.42
C SER B 573 -21.64 30.41 2.16
N GLN B 574 -22.57 31.03 2.87
CA GLN B 574 -23.98 30.74 2.72
C GLN B 574 -24.45 30.93 1.28
N ASP B 575 -23.98 32.00 0.65
CA ASP B 575 -24.34 32.30 -0.73
C ASP B 575 -23.87 31.17 -1.64
N VAL B 576 -22.58 30.84 -1.51
CA VAL B 576 -21.96 29.78 -2.30
C VAL B 576 -22.60 28.41 -2.06
N LEU B 577 -23.05 28.17 -0.83
CA LEU B 577 -23.71 26.91 -0.52
C LEU B 577 -25.09 26.91 -1.16
N LYS B 579 -26.08 28.16 -3.79
CA LYS B 579 -25.99 27.81 -5.20
C LYS B 579 -25.15 26.55 -5.27
N GLN B 580 -25.54 25.59 -6.10
CA GLN B 580 -24.79 24.34 -6.20
C GLN B 580 -23.43 24.61 -6.84
N ILE B 581 -22.49 25.07 -6.02
CA ILE B 581 -21.15 25.40 -6.47
C ILE B 581 -20.11 24.37 -6.05
N HIS B 582 -20.34 23.73 -4.91
CA HIS B 582 -19.39 22.74 -4.42
C HIS B 582 -19.99 21.36 -4.23
N LYS B 583 -19.16 20.34 -4.41
CA LYS B 583 -19.62 18.97 -4.23
C LYS B 583 -19.65 18.67 -2.72
N THR B 584 -20.50 17.73 -2.32
CA THR B 584 -20.64 17.39 -0.90
C THR B 584 -19.35 17.28 -0.10
N SER B 585 -18.27 16.77 -0.69
CA SER B 585 -17.02 16.68 0.06
C SER B 585 -16.53 18.06 0.43
N GLN B 586 -16.50 18.95 -0.55
CA GLN B 586 -16.05 20.31 -0.32
C GLN B 586 -17.01 21.05 0.62
N CYS B 587 -18.28 20.68 0.57
CA CYS B 587 -19.26 21.30 1.44
C CYS B 587 -18.92 20.95 2.89
N TRP B 589 -15.88 20.46 4.02
CA TRP B 589 -14.69 21.22 4.36
C TRP B 589 -15.12 22.64 4.72
N LEU B 590 -16.20 23.10 4.09
CA LEU B 590 -16.70 24.43 4.37
C LEU B 590 -17.23 24.43 5.81
N GLN B 592 -16.45 22.71 8.14
CA GLN B 592 -15.32 22.61 9.05
C GLN B 592 -14.64 23.98 9.15
N ALA B 593 -14.50 24.65 8.01
CA ALA B 593 -13.88 25.96 7.99
C ALA B 593 -14.67 26.87 8.92
N LEU B 594 -15.99 26.87 8.74
CA LEU B 594 -16.89 27.72 9.54
C LEU B 594 -16.83 27.45 11.05
N GLY B 595 -16.80 26.17 11.43
CA GLY B 595 -16.72 25.82 12.84
C GLY B 595 -15.51 26.48 13.47
N PHE B 596 -14.34 26.36 12.83
CA PHE B 596 -13.09 26.97 13.30
C PHE B 596 -13.26 28.47 13.49
N LEU B 597 -14.08 29.07 12.62
CA LEU B 597 -14.33 30.49 12.65
C LEU B 597 -15.18 30.95 13.84
N LEU B 598 -16.29 30.26 14.06
CA LEU B 598 -17.21 30.61 15.14
C LEU B 598 -16.69 30.35 16.56
N SER B 599 -15.81 29.36 16.68
CA SER B 599 -15.24 28.97 17.98
C SER B 599 -14.53 30.07 18.76
N ALA B 600 -14.18 31.17 18.10
CA ALA B 600 -13.47 32.27 18.78
C ALA B 600 -14.28 33.56 18.92
N LEU B 601 -15.58 33.48 18.63
CA LEU B 601 -16.48 34.63 18.73
C LEU B 601 -17.22 34.58 20.08
N GLN B 602 -17.61 35.75 20.59
CA GLN B 602 -18.33 35.79 21.86
C GLN B 602 -19.61 34.95 21.76
N VAL B 603 -20.01 34.34 22.87
CA VAL B 603 -21.19 33.48 22.93
C VAL B 603 -22.45 33.91 22.17
N GLU B 604 -22.88 35.15 22.35
CA GLU B 604 -24.10 35.64 21.69
C GLU B 604 -23.96 35.79 20.17
N GLU B 605 -22.74 36.04 19.70
CA GLU B 605 -22.49 36.18 18.26
C GLU B 605 -22.47 34.81 17.62
N ILE B 606 -22.05 33.80 18.39
CA ILE B 606 -21.99 32.43 17.91
C ILE B 606 -23.41 31.93 17.68
N LEU B 607 -24.32 32.35 18.56
CA LEU B 607 -25.72 31.96 18.48
C LEU B 607 -26.37 32.60 17.26
N LYS B 608 -26.33 33.93 17.22
CA LYS B 608 -26.91 34.69 16.12
C LYS B 608 -26.47 34.18 14.76
N ASN B 609 -25.17 34.00 14.58
CA ASN B 609 -24.64 33.52 13.31
C ASN B 609 -25.01 32.07 13.01
N LEU B 610 -25.02 31.25 14.06
CA LEU B 610 -25.35 29.84 13.92
C LEU B 610 -26.78 29.65 13.44
N HIS B 611 -27.68 30.44 14.00
CA HIS B 611 -29.10 30.35 13.65
C HIS B 611 -29.33 30.69 12.18
N SER B 612 -28.71 31.77 11.70
CA SER B 612 -28.87 32.18 10.31
C SER B 612 -28.35 31.12 9.36
N LEU B 613 -27.35 30.37 9.81
CA LEU B 613 -26.73 29.33 8.99
C LEU B 613 -27.43 27.96 8.99
N ILE B 614 -27.79 27.46 10.18
CA ILE B 614 -28.42 26.14 10.27
C ILE B 614 -29.95 26.08 10.27
N SER B 615 -30.60 27.15 10.71
CA SER B 615 -32.08 27.17 10.77
C SER B 615 -32.70 26.64 9.47
N PRO B 616 -32.28 27.17 8.30
CA PRO B 616 -32.85 26.67 7.04
C PRO B 616 -32.72 25.17 6.86
N TYR B 617 -31.53 24.63 7.14
CA TYR B 617 -31.29 23.20 6.99
C TYR B 617 -32.12 22.36 7.96
N ILE B 618 -32.30 22.84 9.19
CA ILE B 618 -33.09 22.12 10.18
C ILE B 618 -34.54 22.08 9.71
N GLN B 619 -35.03 23.20 9.20
CA GLN B 619 -36.39 23.29 8.68
C GLN B 619 -36.50 22.34 7.50
N GLN B 620 -35.56 22.45 6.57
CA GLN B 620 -35.53 21.59 5.39
C GLN B 620 -35.59 20.13 5.84
N LEU B 621 -34.82 19.81 6.87
CA LEU B 621 -34.79 18.46 7.40
C LEU B 621 -36.17 18.08 7.93
N GLU B 622 -36.85 19.05 8.53
CA GLU B 622 -38.19 18.84 9.06
C GLU B 622 -39.17 18.51 7.95
N LYS B 623 -39.03 19.17 6.80
CA LYS B 623 -39.89 18.93 5.64
C LYS B 623 -39.50 17.61 4.98
N LEU B 624 -38.24 17.23 5.18
CA LEU B 624 -37.73 15.98 4.63
C LEU B 624 -38.09 14.89 5.64
N ALA B 625 -38.31 15.32 6.89
CA ALA B 625 -38.67 14.43 7.99
C ALA B 625 -40.14 13.95 7.91
N GLU B 626 -40.96 14.68 7.17
CA GLU B 626 -42.35 14.35 6.97
C GLU B 626 -42.46 14.10 5.47
N GLU B 627 -41.87 12.98 5.04
CA GLU B 627 -41.89 12.62 3.63
C GLU B 627 -41.90 11.10 3.47
N ILE B 628 -41.74 10.63 2.24
CA ILE B 628 -41.76 9.19 1.93
C ILE B 628 -40.41 8.53 2.18
N PRO B 629 -40.32 7.26 1.81
CA PRO B 629 -39.10 6.48 2.01
C PRO B 629 -38.23 6.33 0.78
N ASN B 630 -38.23 7.32 -0.11
CA ASN B 630 -37.40 7.18 -1.32
C ASN B 630 -35.95 7.62 -1.11
N PRO B 631 -35.05 7.20 -2.03
CA PRO B 631 -33.64 7.57 -1.93
C PRO B 631 -33.37 9.06 -2.13
N SER B 632 -34.08 9.67 -3.07
CA SER B 632 -33.89 11.09 -3.30
C SER B 632 -33.94 11.80 -1.94
N ASN B 633 -34.90 11.42 -1.09
CA ASN B 633 -35.00 11.98 0.25
C ASN B 633 -33.75 11.56 1.02
N LYS B 634 -33.40 10.27 0.93
CA LYS B 634 -32.22 9.72 1.62
C LYS B 634 -31.00 10.58 1.39
N LEU B 635 -30.68 10.82 0.11
CA LEU B 635 -29.52 11.63 -0.23
C LEU B 635 -29.56 12.95 0.52
N ALA B 636 -30.71 13.61 0.49
CA ALA B 636 -30.90 14.89 1.18
C ALA B 636 -30.66 14.75 2.68
N ILE B 637 -31.30 13.75 3.29
CA ILE B 637 -31.17 13.50 4.72
C ILE B 637 -29.72 13.29 5.12
N VAL B 638 -29.00 12.47 4.37
CA VAL B 638 -27.59 12.19 4.65
C VAL B 638 -26.73 13.46 4.56
N HIS B 639 -27.04 14.31 3.58
CA HIS B 639 -26.31 15.55 3.36
C HIS B 639 -26.39 16.52 4.55
N ILE B 640 -27.62 16.81 4.97
CA ILE B 640 -27.81 17.71 6.10
C ILE B 640 -27.13 17.16 7.34
N LEU B 641 -27.29 15.86 7.58
CA LEU B 641 -26.68 15.23 8.74
C LEU B 641 -25.16 15.38 8.73
N GLY B 642 -24.55 15.15 7.57
CA GLY B 642 -23.11 15.27 7.45
C GLY B 642 -22.62 16.71 7.59
N LEU B 643 -23.50 17.66 7.30
CA LEU B 643 -23.17 19.07 7.41
C LEU B 643 -23.09 19.39 8.88
N LEU B 644 -24.06 18.90 9.63
CA LEU B 644 -24.10 19.14 11.06
C LEU B 644 -22.89 18.54 11.76
N SER B 645 -22.59 17.28 11.45
CA SER B 645 -21.46 16.58 12.07
C SER B 645 -20.11 17.23 11.76
N ASN B 646 -19.94 17.72 10.53
CA ASN B 646 -18.70 18.36 10.13
C ASN B 646 -18.48 19.70 10.82
N LEU B 647 -19.57 20.44 10.99
CA LEU B 647 -19.51 21.73 11.67
C LEU B 647 -19.16 21.50 13.14
N PHE B 648 -19.75 20.46 13.74
CA PHE B 648 -19.50 20.14 15.14
C PHE B 648 -18.18 19.43 15.36
N THR B 649 -17.50 19.09 14.28
CA THR B 649 -16.20 18.43 14.38
C THR B 649 -15.18 19.51 14.69
N THR B 650 -15.42 20.64 14.06
CA THR B 650 -14.55 21.78 14.10
C THR B 650 -14.82 22.87 15.13
N LEU B 651 -16.05 22.95 15.63
CA LEU B 651 -16.41 24.02 16.56
C LEU B 651 -16.23 23.78 18.04
N ASP B 652 -15.18 24.36 18.61
CA ASP B 652 -14.87 24.21 20.02
C ASP B 652 -14.62 25.58 20.66
N ILE B 653 -15.37 25.91 21.70
CA ILE B 653 -15.18 27.20 22.37
C ILE B 653 -14.18 27.06 23.52
N SER B 654 -13.93 25.81 23.94
CA SER B 654 -13.00 25.52 25.03
C SER B 654 -11.56 25.36 24.56
N HIS B 655 -11.36 25.44 23.24
CA HIS B 655 -10.03 25.32 22.64
C HIS B 655 -9.12 24.26 23.27
N HIS B 656 -9.65 23.04 23.35
CA HIS B 656 -8.98 21.89 23.92
C HIS B 656 -7.66 21.52 23.23
N GLU B 657 -7.67 21.57 21.89
CA GLU B 657 -6.49 21.23 21.08
C GLU B 657 -5.18 21.68 21.72
N GLY B 673 -23.41 30.76 31.15
CA GLY B 673 -23.52 30.65 29.71
C GLY B 673 -23.34 29.22 29.21
N PRO B 674 -24.40 28.62 28.63
CA PRO B 674 -24.33 27.25 28.12
C PRO B 674 -23.62 27.16 26.76
N ASN B 675 -23.27 25.93 26.37
CA ASN B 675 -22.58 25.68 25.10
C ASN B 675 -23.57 25.65 23.92
N PRO B 676 -23.30 26.44 22.88
CA PRO B 676 -24.17 26.52 21.70
C PRO B 676 -24.50 25.14 21.14
N VAL B 677 -23.45 24.38 20.86
CA VAL B 677 -23.56 23.03 20.30
C VAL B 677 -24.54 22.20 21.10
N VAL B 678 -24.37 22.21 22.42
CA VAL B 678 -25.24 21.45 23.30
C VAL B 678 -26.71 21.87 23.09
N VAL B 679 -26.97 23.17 23.08
CA VAL B 679 -28.34 23.65 22.88
C VAL B 679 -28.88 23.22 21.52
N VAL B 680 -28.05 23.32 20.49
CA VAL B 680 -28.46 22.93 19.16
C VAL B 680 -28.86 21.45 19.21
N LEU B 681 -28.01 20.65 19.86
CA LEU B 681 -28.28 19.24 19.97
C LEU B 681 -29.61 19.01 20.68
N GLN B 682 -29.80 19.66 21.82
CA GLN B 682 -31.03 19.50 22.57
C GLN B 682 -32.26 19.82 21.73
N GLN B 683 -32.23 20.96 21.05
CA GLN B 683 -33.36 21.38 20.22
C GLN B 683 -33.52 20.59 18.93
N VAL B 684 -32.52 19.78 18.60
CA VAL B 684 -32.56 18.98 17.39
C VAL B 684 -32.93 17.52 17.65
N PHE B 685 -32.62 17.05 18.85
CA PHE B 685 -32.88 15.67 19.27
C PHE B 685 -34.25 15.11 18.89
N GLN B 686 -35.31 15.90 19.11
CA GLN B 686 -36.67 15.47 18.78
C GLN B 686 -36.75 15.10 17.29
N LEU B 687 -36.10 15.91 16.46
CA LEU B 687 -36.08 15.70 15.02
C LEU B 687 -35.30 14.45 14.65
N ILE B 688 -34.11 14.30 15.25
CA ILE B 688 -33.29 13.13 14.97
C ILE B 688 -34.08 11.86 15.25
N GLN B 689 -34.73 11.82 16.41
CA GLN B 689 -35.52 10.64 16.78
C GLN B 689 -36.57 10.36 15.71
N LYS B 690 -37.19 11.42 15.19
CA LYS B 690 -38.21 11.26 14.16
C LYS B 690 -37.58 10.60 12.94
N VAL B 691 -36.35 11.00 12.65
CA VAL B 691 -35.62 10.46 11.51
C VAL B 691 -35.33 8.97 11.72
N LEU B 692 -34.84 8.63 12.92
CA LEU B 692 -34.52 7.24 13.25
C LEU B 692 -35.72 6.33 13.13
N SER B 693 -36.86 6.80 13.66
CA SER B 693 -38.11 6.04 13.65
C SER B 693 -38.52 5.60 12.24
N LYS B 694 -38.35 6.49 11.25
CA LYS B 694 -38.74 6.17 9.88
C LYS B 694 -37.64 5.52 9.05
N TRP B 695 -36.38 5.66 9.46
CA TRP B 695 -35.25 5.09 8.71
C TRP B 695 -34.47 4.03 9.48
N LEU B 696 -35.09 3.47 10.52
CA LEU B 696 -34.46 2.45 11.36
C LEU B 696 -33.62 1.38 10.65
N ASN B 697 -34.16 0.78 9.60
CA ASN B 697 -33.47 -0.28 8.85
C ASN B 697 -32.30 0.15 7.94
N ASP B 698 -32.16 1.45 7.68
CA ASP B 698 -31.09 1.96 6.82
C ASP B 698 -29.76 2.16 7.56
N ALA B 699 -28.75 1.37 7.22
CA ALA B 699 -27.45 1.47 7.87
C ALA B 699 -26.69 2.76 7.52
N GLN B 700 -26.82 3.21 6.27
CA GLN B 700 -26.12 4.42 5.85
C GLN B 700 -26.63 5.69 6.51
N VAL B 701 -27.95 5.80 6.70
CA VAL B 701 -28.53 6.97 7.33
C VAL B 701 -28.20 6.96 8.83
N VAL B 702 -28.31 5.77 9.43
CA VAL B 702 -28.03 5.58 10.84
C VAL B 702 -26.62 6.03 11.15
N GLU B 703 -25.69 5.62 10.30
CA GLU B 703 -24.29 5.98 10.48
C GLU B 703 -24.13 7.50 10.56
N ALA B 704 -24.88 8.20 9.70
CA ALA B 704 -24.84 9.66 9.65
C ALA B 704 -25.19 10.27 11.00
N VAL B 705 -26.19 9.69 11.66
CA VAL B 705 -26.59 10.18 12.95
C VAL B 705 -25.49 9.87 13.95
N CYS B 706 -24.95 8.65 13.88
CA CYS B 706 -23.88 8.26 14.80
C CYS B 706 -22.68 9.17 14.65
N ALA B 707 -22.37 9.53 13.41
CA ALA B 707 -21.24 10.39 13.12
C ALA B 707 -21.44 11.77 13.76
N ILE B 708 -22.68 12.25 13.77
CA ILE B 708 -22.97 13.56 14.38
C ILE B 708 -22.47 13.63 15.82
N PHE B 709 -22.79 12.61 16.59
CA PHE B 709 -22.41 12.56 17.99
C PHE B 709 -20.96 12.14 18.15
N GLU B 710 -20.50 11.26 17.27
CA GLU B 710 -19.13 10.81 17.34
C GLU B 710 -18.28 12.06 17.17
N LYS B 711 -18.62 12.87 16.19
CA LYS B 711 -17.89 14.10 15.92
C LYS B 711 -18.05 15.15 17.02
N SER B 712 -19.27 15.31 17.55
CA SER B 712 -19.50 16.29 18.60
C SER B 712 -18.79 15.96 19.90
N VAL B 713 -18.69 14.67 20.25
CA VAL B 713 -18.01 14.26 21.49
C VAL B 713 -16.52 14.59 21.53
N LYS B 714 -15.79 14.24 20.47
CA LYS B 714 -14.36 14.52 20.43
C LYS B 714 -14.11 16.03 20.37
N THR B 715 -15.16 16.78 20.10
CA THR B 715 -14.99 18.23 20.00
C THR B 715 -15.06 18.89 21.40
N LEU B 716 -16.09 18.56 22.16
CA LEU B 716 -16.26 19.11 23.50
C LEU B 716 -16.19 17.91 24.43
N LEU B 717 -15.12 17.81 25.22
CA LEU B 717 -14.94 16.64 26.06
C LEU B 717 -15.71 16.53 27.38
N ASP B 718 -15.78 17.62 28.14
CA ASP B 718 -16.48 17.61 29.42
C ASP B 718 -17.83 18.27 29.23
N ASP B 719 -17.85 19.26 28.35
CA ASP B 719 -19.05 20.03 28.06
C ASP B 719 -20.18 19.29 27.32
N PHE B 720 -20.10 17.97 27.28
CA PHE B 720 -21.14 17.17 26.63
C PHE B 720 -22.00 16.55 27.71
N ALA B 721 -21.60 16.79 28.96
CA ALA B 721 -22.30 16.23 30.11
C ALA B 721 -23.82 16.25 29.98
N PRO B 722 -24.41 17.42 29.67
CA PRO B 722 -25.87 17.51 29.54
C PRO B 722 -26.50 16.58 28.51
N VAL B 724 -25.37 13.35 27.88
CA VAL B 724 -25.15 11.95 28.25
C VAL B 724 -26.41 11.11 28.41
N PRO B 725 -27.29 11.45 29.37
CA PRO B 725 -28.52 10.64 29.55
C PRO B 725 -29.35 10.35 28.29
N GLN B 726 -29.54 11.37 27.44
CA GLN B 726 -30.33 11.21 26.22
C GLN B 726 -29.64 10.32 25.19
N LEU B 727 -28.32 10.47 25.09
CA LEU B 727 -27.52 9.69 24.15
C LEU B 727 -27.46 8.21 24.50
N CYS B 728 -27.42 7.90 25.79
CA CYS B 728 -27.36 6.51 26.23
C CYS B 728 -28.64 5.77 25.88
N GLU B 729 -29.79 6.42 26.07
CA GLU B 729 -31.06 5.77 25.75
C GLU B 729 -31.06 5.49 24.25
N LEU B 731 -28.39 5.24 22.11
CA LEU B 731 -27.42 4.22 21.78
C LEU B 731 -27.88 2.84 22.29
N GLY B 732 -28.48 2.83 23.48
CA GLY B 732 -28.94 1.58 24.05
C GLY B 732 -30.10 0.97 23.30
N ARG B 733 -30.98 1.81 22.79
CA ARG B 733 -32.13 1.37 22.03
C ARG B 733 -31.70 0.88 20.66
N TYR B 735 -28.71 -0.32 19.58
CA TYR B 735 -28.03 -1.59 19.69
C TYR B 735 -28.93 -2.77 20.04
N SER B 736 -29.99 -2.52 20.81
CA SER B 736 -30.92 -3.58 21.19
C SER B 736 -31.79 -3.98 19.99
N THR B 737 -31.99 -3.04 19.08
CA THR B 737 -32.77 -3.29 17.88
C THR B 737 -31.88 -3.82 16.75
N ILE B 738 -30.90 -3.01 16.33
CA ILE B 738 -29.98 -3.42 15.27
C ILE B 738 -28.54 -3.14 15.71
N PRO B 739 -27.78 -4.19 16.04
CA PRO B 739 -26.39 -4.13 16.49
C PRO B 739 -25.44 -3.63 15.39
N GLN B 740 -24.70 -2.58 15.68
CA GLN B 740 -23.76 -2.05 14.70
C GLN B 740 -22.51 -1.60 15.46
N ALA B 741 -21.36 -1.67 14.80
CA ALA B 741 -20.10 -1.31 15.42
C ALA B 741 -19.91 0.15 15.85
N SER B 742 -20.58 1.08 15.18
CA SER B 742 -20.40 2.48 15.58
C SER B 742 -21.01 2.72 16.96
N ALA B 743 -22.07 1.98 17.28
CA ALA B 743 -22.73 2.10 18.58
C ALA B 743 -21.75 1.74 19.68
N LEU B 744 -20.93 0.72 19.47
CA LEU B 744 -19.94 0.33 20.47
C LEU B 744 -18.84 1.40 20.56
N ASP B 745 -18.48 1.97 19.42
CA ASP B 745 -17.43 3.00 19.38
C ASP B 745 -17.85 4.24 20.14
N LEU B 746 -19.11 4.64 19.94
CA LEU B 746 -19.63 5.82 20.62
C LEU B 746 -19.59 5.60 22.12
N THR B 747 -20.01 4.39 22.53
CA THR B 747 -20.02 4.01 23.93
C THR B 747 -18.62 4.08 24.47
N ARG B 748 -17.65 3.63 23.68
CA ARG B 748 -16.26 3.67 24.12
C ARG B 748 -15.77 5.10 24.36
N GLN B 749 -16.30 6.05 23.59
CA GLN B 749 -15.90 7.45 23.74
C GLN B 749 -16.45 8.03 25.04
N LEU B 750 -17.71 7.74 25.36
CA LEU B 750 -18.31 8.23 26.60
C LEU B 750 -17.52 7.71 27.79
N VAL B 751 -17.12 6.45 27.70
CA VAL B 751 -16.35 5.79 28.76
C VAL B 751 -15.00 6.48 28.92
N HIS B 752 -14.37 6.85 27.82
CA HIS B 752 -13.09 7.51 27.86
C HIS B 752 -13.18 8.87 28.57
N ILE B 753 -14.29 9.56 28.36
CA ILE B 753 -14.50 10.88 28.95
C ILE B 753 -15.01 10.97 30.39
N PHE B 754 -16.17 10.40 30.63
CA PHE B 754 -16.80 10.48 31.93
C PHE B 754 -16.45 9.44 32.99
N ALA B 755 -15.48 8.58 32.71
CA ALA B 755 -15.10 7.55 33.67
C ALA B 755 -14.91 8.13 35.07
N HIS B 756 -13.96 9.05 35.20
CA HIS B 756 -13.69 9.64 36.50
C HIS B 756 -14.63 10.80 36.87
N GLU B 757 -15.69 10.99 36.10
CA GLU B 757 -16.69 12.02 36.38
C GLU B 757 -17.94 11.33 36.94
N PRO B 758 -17.86 10.86 38.19
CA PRO B 758 -19.01 10.18 38.81
C PRO B 758 -20.34 10.87 38.58
N ALA B 759 -20.36 12.18 38.70
CA ALA B 759 -21.58 12.95 38.52
C ALA B 759 -22.39 12.62 37.25
N HIS B 760 -21.74 12.14 36.18
CA HIS B 760 -22.45 11.85 34.93
C HIS B 760 -22.29 10.45 34.36
N PHE B 761 -21.38 9.67 34.92
CA PHE B 761 -21.08 8.31 34.45
C PHE B 761 -22.10 7.17 34.61
N PRO B 762 -22.92 7.17 35.67
CA PRO B 762 -23.91 6.11 35.90
C PRO B 762 -24.69 5.58 34.68
N PRO B 763 -25.22 6.48 33.83
CA PRO B 763 -25.98 6.02 32.65
C PRO B 763 -25.10 5.31 31.63
N ILE B 764 -23.84 5.74 31.58
CA ILE B 764 -22.88 5.16 30.66
C ILE B 764 -22.49 3.76 31.13
N GLU B 765 -22.43 3.59 32.45
CA GLU B 765 -22.10 2.27 33.02
C GLU B 765 -23.18 1.27 32.60
N ALA B 766 -24.44 1.71 32.67
CA ALA B 766 -25.58 0.88 32.28
C ALA B 766 -25.44 0.49 30.80
N LEU B 767 -25.10 1.48 29.98
CA LEU B 767 -24.93 1.28 28.55
C LEU B 767 -23.85 0.23 28.33
N PHE B 768 -22.68 0.48 28.93
CA PHE B 768 -21.56 -0.44 28.82
C PHE B 768 -21.96 -1.91 29.08
N LEU B 769 -22.73 -2.11 30.14
CA LEU B 769 -23.17 -3.45 30.50
C LEU B 769 -24.18 -3.99 29.48
N LEU B 770 -25.14 -3.16 29.10
CA LEU B 770 -26.17 -3.55 28.13
C LEU B 770 -25.56 -3.98 26.79
N VAL B 771 -24.64 -3.19 26.28
CA VAL B 771 -23.98 -3.48 25.02
C VAL B 771 -23.15 -4.75 25.11
N THR B 772 -22.53 -4.99 26.26
CA THR B 772 -21.71 -6.18 26.44
C THR B 772 -22.58 -7.43 26.52
N SER B 773 -23.79 -7.29 27.06
CA SER B 773 -24.71 -8.43 27.18
C SER B 773 -25.22 -8.85 25.81
N VAL B 774 -25.48 -7.88 24.95
CA VAL B 774 -25.96 -8.17 23.62
C VAL B 774 -24.85 -8.75 22.73
N THR B 775 -23.68 -8.11 22.73
CA THR B 775 -22.60 -8.62 21.90
C THR B 775 -22.20 -10.04 22.30
N LEU B 776 -22.36 -10.37 23.58
CA LEU B 776 -22.04 -11.72 24.05
C LEU B 776 -23.04 -12.75 23.56
N THR B 777 -24.32 -12.37 23.50
CA THR B 777 -25.35 -13.29 23.02
C THR B 777 -25.09 -13.43 21.53
N LEU B 778 -24.88 -12.29 20.87
CA LEU B 778 -24.63 -12.27 19.44
C LEU B 778 -23.42 -13.14 19.08
N PHE B 779 -22.34 -12.99 19.83
CA PHE B 779 -21.14 -13.75 19.56
C PHE B 779 -21.33 -15.27 19.60
N GLN B 780 -22.27 -15.78 20.39
CA GLN B 780 -22.47 -17.24 20.49
C GLN B 780 -23.02 -17.72 19.19
N GLN B 781 -24.02 -16.99 18.70
CA GLN B 781 -24.67 -17.33 17.45
C GLN B 781 -23.86 -17.17 16.16
N GLY B 782 -23.18 -16.05 15.99
CA GLY B 782 -22.40 -15.80 14.80
C GLY B 782 -20.98 -15.58 15.24
N PRO B 783 -20.27 -16.64 15.68
CA PRO B 783 -18.88 -16.54 16.12
C PRO B 783 -17.98 -15.79 15.08
N ARG B 784 -18.31 -15.84 13.80
CA ARG B 784 -17.45 -15.15 12.86
C ARG B 784 -18.21 -14.34 11.82
N ASP B 785 -19.48 -14.15 12.09
CA ASP B 785 -20.31 -13.38 11.23
C ASP B 785 -20.21 -11.84 11.33
N HIS B 786 -19.63 -11.30 12.40
CA HIS B 786 -19.50 -9.85 12.54
C HIS B 786 -18.15 -9.48 13.13
N PRO B 787 -17.07 -9.71 12.35
CA PRO B 787 -15.69 -9.40 12.77
C PRO B 787 -15.54 -7.95 13.19
N ASP B 788 -16.32 -7.13 12.50
CA ASP B 788 -16.33 -5.71 12.72
C ASP B 788 -16.85 -5.39 14.12
N ILE B 789 -17.93 -6.04 14.53
CA ILE B 789 -18.49 -5.80 15.85
C ILE B 789 -17.56 -6.33 16.93
N VAL B 790 -16.96 -7.48 16.68
CA VAL B 790 -16.01 -8.07 17.63
C VAL B 790 -14.85 -7.09 17.83
N ASP B 791 -14.44 -6.45 16.73
CA ASP B 791 -13.33 -5.48 16.75
C ASP B 791 -13.65 -4.32 17.67
N SER B 792 -14.79 -3.66 17.45
CA SER B 792 -15.18 -2.54 18.29
C SER B 792 -15.40 -3.01 19.74
N PHE B 793 -15.96 -4.20 19.89
CA PHE B 793 -16.20 -4.77 21.20
C PHE B 793 -14.87 -4.83 21.96
N GLN B 795 -12.10 -3.22 21.51
CA GLN B 795 -11.56 -1.91 21.79
C GLN B 795 -12.29 -1.26 22.96
N LEU B 796 -13.60 -1.49 23.04
CA LEU B 796 -14.40 -0.94 24.12
C LEU B 796 -13.91 -1.52 25.43
N LEU B 797 -13.81 -2.84 25.50
CA LEU B 797 -13.34 -3.50 26.71
C LEU B 797 -11.92 -3.05 27.09
N ALA B 798 -11.08 -2.78 26.10
CA ALA B 798 -9.71 -2.34 26.37
C ALA B 798 -9.69 -0.91 26.89
N GLN B 799 -10.72 -0.14 26.54
CA GLN B 799 -10.79 1.24 27.02
C GLN B 799 -11.19 1.21 28.47
N ALA B 800 -12.11 0.29 28.78
CA ALA B 800 -12.59 0.13 30.14
C ALA B 800 -11.40 -0.16 31.05
N LEU B 801 -10.61 -1.17 30.70
CA LEU B 801 -9.43 -1.55 31.49
C LEU B 801 -8.38 -0.43 31.60
N LYS B 802 -8.22 0.33 30.52
CA LYS B 802 -7.26 1.42 30.45
C LYS B 802 -7.61 2.59 31.37
N ARG B 803 -8.83 3.11 31.20
CA ARG B 803 -9.29 4.24 31.98
C ARG B 803 -9.93 3.91 33.33
N LYS B 804 -10.79 2.90 33.38
CA LYS B 804 -11.47 2.58 34.63
C LYS B 804 -11.68 1.09 34.89
N PRO B 805 -10.62 0.39 35.33
CA PRO B 805 -10.63 -1.05 35.63
C PRO B 805 -11.74 -1.54 36.54
N ASP B 806 -12.06 -0.77 37.58
CA ASP B 806 -13.11 -1.19 38.52
C ASP B 806 -14.42 -1.56 37.83
N LEU B 807 -14.53 -1.30 36.53
CA LEU B 807 -15.75 -1.63 35.80
C LEU B 807 -15.87 -3.15 35.71
N PHE B 808 -14.72 -3.81 35.73
CA PHE B 808 -14.68 -5.26 35.63
C PHE B 808 -15.07 -5.97 36.91
N LEU B 809 -15.22 -5.22 37.99
CA LEU B 809 -15.61 -5.81 39.27
C LEU B 809 -17.13 -5.83 39.44
N CYS B 810 -17.85 -5.50 38.37
CA CYS B 810 -19.31 -5.53 38.39
C CYS B 810 -19.71 -6.99 38.18
N GLU B 811 -20.58 -7.52 39.03
CA GLU B 811 -20.99 -8.92 38.90
C GLU B 811 -22.02 -9.09 37.78
N ARG B 812 -22.58 -7.98 37.32
CA ARG B 812 -23.56 -8.02 36.25
C ARG B 812 -22.90 -8.26 34.89
N LEU B 813 -21.57 -8.11 34.85
CA LEU B 813 -20.77 -8.35 33.63
C LEU B 813 -20.11 -9.73 33.73
N ASP B 814 -20.38 -10.62 32.76
CA ASP B 814 -19.82 -11.98 32.78
C ASP B 814 -18.35 -12.08 32.38
N VAL B 815 -17.47 -11.77 33.32
CA VAL B 815 -16.04 -11.80 33.07
C VAL B 815 -15.48 -13.08 32.42
N LYS B 816 -16.07 -14.24 32.70
CA LYS B 816 -15.58 -15.47 32.08
C LYS B 816 -15.88 -15.46 30.58
N ALA B 817 -17.11 -15.09 30.25
CA ALA B 817 -17.59 -15.02 28.88
C ALA B 817 -16.67 -14.10 28.06
N VAL B 818 -16.49 -12.88 28.55
CA VAL B 818 -15.65 -11.93 27.86
C VAL B 818 -14.29 -12.53 27.55
N PHE B 819 -13.61 -13.03 28.58
CA PHE B 819 -12.29 -13.62 28.37
C PHE B 819 -12.35 -14.71 27.31
N GLN B 820 -13.44 -15.49 27.29
CA GLN B 820 -13.58 -16.59 26.32
C GLN B 820 -13.71 -16.07 24.90
N CYS B 821 -14.56 -15.06 24.73
CA CYS B 821 -14.77 -14.44 23.43
C CYS B 821 -13.46 -13.88 22.92
N ALA B 822 -12.73 -13.22 23.82
CA ALA B 822 -11.46 -12.63 23.50
C ALA B 822 -10.47 -13.61 22.88
N VAL B 823 -10.31 -14.77 23.51
CA VAL B 823 -9.36 -15.78 23.05
C VAL B 823 -9.75 -16.39 21.71
N LEU B 824 -11.05 -16.57 21.48
CA LEU B 824 -11.51 -17.13 20.22
C LEU B 824 -11.28 -16.09 19.12
N ALA B 825 -11.52 -14.83 19.47
CA ALA B 825 -11.34 -13.72 18.53
C ALA B 825 -9.93 -13.79 17.96
N LEU B 826 -8.98 -14.22 18.78
CA LEU B 826 -7.58 -14.35 18.38
C LEU B 826 -7.37 -15.25 17.17
N LYS B 827 -8.35 -16.11 16.92
CA LYS B 827 -8.27 -17.07 15.81
C LYS B 827 -9.01 -16.63 14.57
N PHE B 828 -9.69 -15.49 14.66
CA PHE B 828 -10.43 -14.98 13.52
C PHE B 828 -9.53 -14.74 12.29
N PRO B 829 -10.13 -14.81 11.08
CA PRO B 829 -9.40 -14.62 9.81
C PRO B 829 -9.01 -13.15 9.63
N GLU B 830 -9.93 -12.26 10.01
CA GLU B 830 -9.75 -10.83 9.88
C GLU B 830 -8.66 -10.27 10.81
N ALA B 831 -7.51 -9.95 10.24
CA ALA B 831 -6.39 -9.39 11.02
C ALA B 831 -6.78 -8.23 11.95
N PRO B 832 -7.58 -7.26 11.47
CA PRO B 832 -7.96 -6.14 12.34
C PRO B 832 -8.71 -6.57 13.61
N THR B 833 -9.52 -7.63 13.51
CA THR B 833 -10.23 -8.11 14.69
C THR B 833 -9.22 -8.75 15.63
N VAL B 834 -8.26 -9.49 15.08
CA VAL B 834 -7.23 -10.13 15.90
C VAL B 834 -6.34 -9.08 16.61
N LYS B 835 -6.06 -7.97 15.93
CA LYS B 835 -5.24 -6.91 16.51
C LYS B 835 -5.97 -6.30 17.71
N ALA B 836 -7.28 -6.13 17.55
CA ALA B 836 -8.13 -5.56 18.59
C ALA B 836 -8.13 -6.49 19.80
N SER B 837 -8.17 -7.79 19.54
CA SER B 837 -8.14 -8.78 20.58
C SER B 837 -6.84 -8.69 21.37
N CYS B 838 -5.73 -8.65 20.67
CA CYS B 838 -4.44 -8.54 21.36
C CYS B 838 -4.43 -7.27 22.20
N GLY B 839 -5.17 -6.27 21.73
CA GLY B 839 -5.25 -4.99 22.43
C GLY B 839 -5.89 -5.18 23.78
N PHE B 840 -6.97 -5.95 23.80
CA PHE B 840 -7.70 -6.26 25.01
C PHE B 840 -6.80 -6.94 26.04
N PHE B 841 -6.14 -8.03 25.65
CA PHE B 841 -5.27 -8.74 26.57
C PHE B 841 -4.11 -7.89 27.10
N THR B 842 -3.71 -6.90 26.32
CA THR B 842 -2.62 -6.02 26.74
C THR B 842 -3.05 -5.01 27.80
N GLU B 843 -4.36 -4.80 27.94
CA GLU B 843 -4.89 -3.87 28.94
C GLU B 843 -5.47 -4.69 30.11
N LEU B 844 -5.60 -6.00 29.90
CA LEU B 844 -6.13 -6.92 30.91
C LEU B 844 -5.01 -7.38 31.82
N LEU B 845 -3.99 -8.01 31.23
CA LEU B 845 -2.86 -8.52 32.00
C LEU B 845 -2.15 -7.51 32.92
N PRO B 846 -2.18 -6.21 32.58
CA PRO B 846 -1.51 -5.27 33.47
C PRO B 846 -2.42 -4.96 34.67
N ARG B 847 -3.64 -5.44 34.60
CA ARG B 847 -4.61 -5.20 35.66
C ARG B 847 -4.75 -6.35 36.67
N CYS B 848 -3.88 -7.35 36.57
CA CYS B 848 -3.89 -8.47 37.51
C CYS B 848 -3.20 -7.92 38.77
N GLY B 849 -3.76 -8.20 39.94
CA GLY B 849 -3.12 -7.72 41.16
C GLY B 849 -2.98 -6.22 41.08
N GLU B 850 -3.97 -5.59 40.46
CA GLU B 850 -4.01 -4.14 40.30
C GLU B 850 -5.39 -3.71 40.73
N VAL B 851 -5.75 -4.11 41.95
CA VAL B 851 -7.03 -3.76 42.54
C VAL B 851 -8.21 -4.37 41.75
N GLU B 852 -7.91 -5.36 40.92
CA GLU B 852 -8.94 -6.02 40.13
C GLU B 852 -8.88 -7.53 40.43
N SER B 853 -9.72 -7.94 41.38
CA SER B 853 -9.81 -9.35 41.81
C SER B 853 -10.28 -10.20 40.64
N VAL B 854 -11.35 -9.75 39.99
CA VAL B 854 -11.91 -10.48 38.85
C VAL B 854 -10.85 -10.67 37.77
N GLY B 855 -9.86 -9.78 37.77
CA GLY B 855 -8.79 -9.86 36.80
C GLY B 855 -7.96 -11.11 36.96
N LYS B 856 -7.21 -11.23 38.04
CA LYS B 856 -6.40 -12.43 38.20
C LYS B 856 -7.25 -13.68 38.37
N VAL B 857 -8.53 -13.51 38.68
CA VAL B 857 -9.40 -14.66 38.83
C VAL B 857 -9.44 -15.38 37.47
N VAL B 858 -9.65 -14.63 36.38
CA VAL B 858 -9.72 -15.26 35.06
C VAL B 858 -8.42 -15.91 34.58
N GLN B 859 -7.37 -15.86 35.41
CA GLN B 859 -6.15 -16.56 35.02
C GLN B 859 -6.23 -17.97 35.58
N GLU B 860 -7.45 -18.48 35.52
CA GLU B 860 -7.79 -19.83 35.87
C GLU B 860 -7.96 -20.40 34.45
N ASP B 861 -8.13 -19.48 33.50
CA ASP B 861 -8.26 -19.76 32.07
C ASP B 861 -7.04 -19.20 31.32
N GLY B 862 -6.02 -18.77 32.07
CA GLY B 862 -4.84 -18.20 31.45
C GLY B 862 -4.05 -19.06 30.48
N ARG B 863 -3.99 -20.37 30.70
CA ARG B 863 -3.22 -21.24 29.81
C ARG B 863 -3.88 -21.42 28.44
N LEU B 865 -5.03 -18.80 26.73
CA LEU B 865 -4.47 -17.65 26.06
C LEU B 865 -3.09 -18.00 25.58
N LEU B 866 -2.28 -18.59 26.43
CA LEU B 866 -0.95 -18.96 26.00
C LEU B 866 -0.98 -19.94 24.82
N ILE B 867 -1.94 -20.87 24.85
CA ILE B 867 -2.11 -21.86 23.80
C ILE B 867 -2.46 -21.14 22.50
N ALA B 868 -3.49 -20.29 22.55
CA ALA B 868 -3.91 -19.55 21.38
C ALA B 868 -2.74 -18.72 20.82
N VAL B 869 -1.93 -18.15 21.70
CA VAL B 869 -0.80 -17.38 21.24
C VAL B 869 0.27 -18.25 20.57
N LEU B 870 0.52 -19.43 21.12
CA LEU B 870 1.53 -20.32 20.55
C LEU B 870 1.04 -20.98 19.24
N GLU B 871 -0.27 -21.06 19.06
CA GLU B 871 -0.80 -21.64 17.85
C GLU B 871 -0.66 -20.62 16.74
N ALA B 872 -0.82 -19.35 17.08
CA ALA B 872 -0.70 -18.28 16.10
C ALA B 872 0.78 -18.19 15.65
N ILE B 873 1.68 -18.08 16.62
CA ILE B 873 3.12 -18.01 16.33
C ILE B 873 3.57 -19.25 15.57
N GLY B 874 2.85 -20.35 15.74
CA GLY B 874 3.23 -21.58 15.06
C GLY B 874 2.99 -21.52 13.57
N GLY B 875 2.15 -20.57 13.15
CA GLY B 875 1.84 -20.42 11.74
C GLY B 875 0.37 -20.47 11.42
N GLN B 876 -0.47 -20.22 12.42
CA GLN B 876 -1.91 -20.24 12.24
C GLN B 876 -2.40 -18.82 11.99
N ALA B 877 -1.58 -17.85 12.35
CA ALA B 877 -1.92 -16.44 12.16
C ALA B 877 -0.93 -15.86 11.13
N SER B 878 -1.33 -14.76 10.50
CA SER B 878 -0.49 -14.11 9.49
C SER B 878 0.76 -13.54 10.13
N ARG B 879 1.89 -13.63 9.42
CA ARG B 879 3.13 -13.11 9.92
C ARG B 879 2.97 -11.63 10.30
N SER B 880 2.01 -10.98 9.65
CA SER B 880 1.71 -9.57 9.88
C SER B 880 1.32 -9.24 11.31
N LEU B 881 0.69 -10.21 11.98
CA LEU B 881 0.22 -10.02 13.36
C LEU B 881 1.23 -10.36 14.47
N ASP B 883 3.85 -9.07 15.85
CA ASP B 883 4.18 -8.07 16.87
C ASP B 883 3.06 -7.87 17.90
N CYS B 884 1.85 -8.33 17.57
CA CYS B 884 0.72 -8.21 18.49
C CYS B 884 0.70 -9.37 19.47
N PHE B 885 1.13 -10.54 19.02
CA PHE B 885 1.17 -11.71 19.87
C PHE B 885 2.41 -11.63 20.76
N ALA B 886 3.45 -10.96 20.29
CA ALA B 886 4.65 -10.83 21.09
C ALA B 886 4.30 -9.93 22.28
N ASP B 887 3.42 -8.98 22.02
CA ASP B 887 2.97 -8.04 23.03
C ASP B 887 2.18 -8.74 24.12
N ILE B 888 1.53 -9.84 23.78
CA ILE B 888 0.78 -10.60 24.77
C ILE B 888 1.79 -11.37 25.59
N LEU B 889 2.80 -11.92 24.92
CA LEU B 889 3.84 -12.68 25.58
C LEU B 889 4.58 -11.80 26.58
N PHE B 890 4.95 -10.60 26.13
CA PHE B 890 5.65 -9.64 26.98
C PHE B 890 4.80 -9.34 28.22
N ALA B 891 3.50 -9.21 28.02
CA ALA B 891 2.60 -8.90 29.11
C ALA B 891 2.44 -10.09 30.07
N LEU B 892 2.73 -11.29 29.57
CA LEU B 892 2.63 -12.46 30.42
C LEU B 892 3.91 -12.60 31.25
N ASN B 893 5.04 -12.29 30.63
CA ASN B 893 6.33 -12.38 31.32
C ASN B 893 6.60 -11.29 32.36
N LYS B 894 6.00 -10.12 32.18
CA LYS B 894 6.24 -9.03 33.10
C LYS B 894 5.19 -8.90 34.21
N HIS B 895 3.98 -9.42 34.00
CA HIS B 895 2.95 -9.28 35.04
C HIS B 895 2.48 -10.56 35.73
N CYS B 896 2.53 -11.70 35.04
CA CYS B 896 2.18 -12.96 35.68
C CYS B 896 3.20 -14.00 35.29
N PHE B 897 4.46 -13.71 35.63
CA PHE B 897 5.60 -14.57 35.32
C PHE B 897 5.53 -15.98 35.92
N SER B 898 5.16 -16.08 37.18
CA SER B 898 5.05 -17.38 37.85
C SER B 898 4.14 -18.28 37.03
N LEU B 899 2.93 -17.79 36.74
CA LEU B 899 1.96 -18.55 35.96
C LEU B 899 2.54 -18.92 34.61
N LEU B 900 2.89 -17.90 33.82
CA LEU B 900 3.41 -18.14 32.49
C LEU B 900 4.40 -19.29 32.41
N SER B 901 5.30 -19.38 33.38
CA SER B 901 6.32 -20.42 33.37
C SER B 901 5.76 -21.84 33.48
N TRP B 903 2.61 -22.62 32.73
CA TRP B 903 1.82 -22.65 31.50
C TRP B 903 2.65 -23.15 30.31
N ILE B 904 3.69 -22.39 30.00
CA ILE B 904 4.55 -22.65 28.86
C ILE B 904 5.32 -23.97 28.86
N LYS B 905 5.79 -24.39 30.03
CA LYS B 905 6.50 -25.66 30.14
C LYS B 905 5.56 -26.80 29.72
N GLU B 906 4.28 -26.67 30.10
CA GLU B 906 3.27 -27.69 29.81
C GLU B 906 2.81 -27.65 28.35
N ALA B 907 2.49 -26.44 27.88
CA ALA B 907 2.01 -26.21 26.52
C ALA B 907 2.91 -26.70 25.40
N LEU B 908 4.22 -26.67 25.60
CA LEU B 908 5.16 -27.12 24.59
C LEU B 908 5.54 -28.60 24.72
N GLN B 909 5.02 -29.26 25.75
CA GLN B 909 5.32 -30.69 26.00
C GLN B 909 4.98 -31.61 24.83
N PRO B 910 3.74 -31.51 24.31
CA PRO B 910 3.33 -32.36 23.18
C PRO B 910 4.25 -32.19 21.96
N PRO B 911 4.73 -33.30 21.40
CA PRO B 911 5.61 -33.24 20.22
C PRO B 911 5.02 -32.57 19.00
N GLY B 912 5.76 -31.61 18.46
CA GLY B 912 5.33 -30.86 17.28
C GLY B 912 4.06 -30.10 17.55
N PHE B 913 4.03 -29.31 18.63
CA PHE B 913 2.83 -28.57 18.96
C PHE B 913 2.58 -27.34 18.11
N PRO B 914 3.42 -26.31 18.27
CA PRO B 914 3.17 -25.13 17.43
C PRO B 914 3.33 -25.56 15.97
N SER B 915 4.48 -26.15 15.66
CA SER B 915 4.77 -26.61 14.30
C SER B 915 5.52 -27.92 14.37
N ALA B 916 5.28 -28.79 13.38
CA ALA B 916 5.94 -30.09 13.34
C ALA B 916 7.39 -29.89 12.88
N ARG B 917 7.65 -28.73 12.31
CA ARG B 917 8.98 -28.39 11.81
C ARG B 917 9.98 -28.14 12.94
N LEU B 918 9.48 -28.02 14.17
CA LEU B 918 10.33 -27.75 15.32
C LEU B 918 11.02 -28.97 15.90
N SER B 919 12.10 -28.71 16.62
CA SER B 919 12.89 -29.73 17.27
C SER B 919 12.81 -29.45 18.78
N PRO B 920 12.80 -30.50 19.62
CA PRO B 920 12.72 -30.22 21.06
C PRO B 920 13.78 -29.21 21.53
N GLU B 921 14.94 -29.21 20.87
CA GLU B 921 16.01 -28.29 21.22
C GLU B 921 15.58 -26.84 20.95
N GLN B 922 14.87 -26.65 19.84
CA GLN B 922 14.39 -25.32 19.45
C GLN B 922 13.22 -24.90 20.35
N LYS B 923 12.48 -25.88 20.83
CA LYS B 923 11.37 -25.62 21.72
C LYS B 923 11.90 -25.15 23.07
N ASP B 924 12.94 -25.83 23.55
CA ASP B 924 13.56 -25.50 24.84
C ASP B 924 14.24 -24.15 24.82
N THR B 925 15.00 -23.89 23.76
CA THR B 925 15.68 -22.60 23.63
C THR B 925 14.65 -21.47 23.73
N PHE B 926 13.55 -21.59 23.00
CA PHE B 926 12.51 -20.57 23.01
C PHE B 926 11.94 -20.45 24.41
N SER B 927 11.60 -21.58 25.02
CA SER B 927 11.04 -21.58 26.37
C SER B 927 11.97 -20.88 27.35
N GLN B 928 13.27 -21.06 27.14
CA GLN B 928 14.27 -20.44 28.01
C GLN B 928 14.33 -18.93 27.80
N GLN B 929 14.50 -18.51 26.55
CA GLN B 929 14.57 -17.09 26.23
C GLN B 929 13.36 -16.33 26.76
N ILE B 930 12.17 -16.87 26.51
CA ILE B 930 10.95 -16.22 26.96
C ILE B 930 10.74 -16.24 28.47
N LEU B 931 11.50 -17.07 29.18
CA LEU B 931 11.35 -17.12 30.63
C LEU B 931 12.31 -16.20 31.37
N ARG B 932 13.13 -15.45 30.63
CA ARG B 932 14.06 -14.50 31.24
C ARG B 932 13.12 -13.45 31.84
N GLU B 933 13.43 -12.98 33.04
CA GLU B 933 12.56 -12.03 33.72
C GLU B 933 12.72 -10.56 33.34
N ARG B 934 13.84 -10.23 32.68
CA ARG B 934 14.10 -8.85 32.31
C ARG B 934 13.92 -8.48 30.83
N VAL B 935 13.42 -9.40 30.02
CA VAL B 935 13.24 -9.11 28.60
C VAL B 935 12.34 -7.91 28.33
N ASN B 936 12.70 -7.17 27.28
CA ASN B 936 11.96 -5.98 26.84
C ASN B 936 11.19 -6.29 25.54
N LYS B 937 10.11 -5.56 25.29
CA LYS B 937 9.31 -5.78 24.09
C LYS B 937 10.20 -5.98 22.89
N ARG B 938 11.20 -5.11 22.75
CA ARG B 938 12.12 -5.18 21.62
C ARG B 938 12.67 -6.61 21.44
N ARG B 939 13.10 -7.22 22.54
CA ARG B 939 13.67 -8.58 22.48
C ARG B 939 12.65 -9.69 22.25
N VAL B 940 11.51 -9.59 22.95
CA VAL B 940 10.44 -10.58 22.81
C VAL B 940 9.90 -10.59 21.39
N LYS B 941 9.91 -9.43 20.73
CA LYS B 941 9.44 -9.32 19.35
C LYS B 941 10.45 -9.98 18.41
N GLU B 942 11.73 -9.76 18.69
CA GLU B 942 12.80 -10.31 17.88
C GLU B 942 12.87 -11.83 17.95
N VAL B 944 10.21 -13.81 18.88
CA VAL B 944 8.95 -14.34 18.36
C VAL B 944 9.07 -14.42 16.86
N LYS B 945 9.66 -13.39 16.25
CA LYS B 945 9.85 -13.35 14.80
C LYS B 945 10.77 -14.49 14.38
N GLU B 946 11.89 -14.64 15.10
CA GLU B 946 12.86 -15.69 14.81
C GLU B 946 12.19 -17.06 14.90
N PHE B 947 11.43 -17.26 15.98
CA PHE B 947 10.73 -18.52 16.20
C PHE B 947 9.70 -18.81 15.11
N THR B 948 8.72 -17.92 14.91
CA THR B 948 7.67 -18.11 13.89
C THR B 948 8.31 -18.46 12.55
N LEU B 949 9.47 -17.89 12.27
CA LEU B 949 10.17 -18.17 11.02
C LEU B 949 10.59 -19.63 10.95
N LEU B 950 11.08 -20.18 12.06
CA LEU B 950 11.49 -21.59 12.10
C LEU B 950 10.29 -22.50 11.97
N CYS B 951 9.14 -22.05 12.47
CA CYS B 951 7.90 -22.83 12.41
C CYS B 951 7.38 -22.95 11.00
N ARG B 952 7.57 -21.91 10.19
CA ARG B 952 7.04 -21.89 8.80
C ARG B 952 8.06 -22.24 7.72
N GLY B 953 9.28 -21.72 7.82
CA GLY B 953 10.29 -22.00 6.84
C GLY B 953 11.12 -20.84 6.37
N LEU B 954 12.18 -21.13 5.71
#